data_5WQM
#
_entry.id   5WQM
#
_cell.length_a   109.150
_cell.length_b   109.150
_cell.length_c   142.345
_cell.angle_alpha   90.00
_cell.angle_beta   90.00
_cell.angle_gamma   90.00
#
_symmetry.space_group_name_H-M   'P 41 2 2'
#
loop_
_entity.id
_entity.type
_entity.pdbx_description
1 polymer 'Probable dehydrogenase'
2 non-polymer 'SODIUM ION'
3 water water
#
_entity_poly.entity_id   1
_entity_poly.type   'polypeptide(L)'
_entity_poly.pdbx_seq_one_letter_code
;MHNVLIVGASRGIGLGLADAFLQRGAQVFAVARRPQGSPGLQALAERAGERLQAVTGDLNQHDCAERIGEMLGERRIDRL
IVNAGIYGPQQQDVAEIDAEQTAQLFLTNAIAPLRLARALSGRVSRGGVVAFMSSQMASLALGLSATMPLYGASKAALNS
LVRSWEGEFEELPFSLLLLHPGWVRTEMGGDSAPLSVEESAAGLVAAVEDAAGVNACRFVDYRNQPLPW
;
_entity_poly.pdbx_strand_id   A,B,C,D
#
loop_
_chem_comp.id
_chem_comp.type
_chem_comp.name
_chem_comp.formula
NA non-polymer 'SODIUM ION' 'Na 1'
#
# COMPACT_ATOMS: atom_id res chain seq x y z
N MET A 1 -12.10 -9.71 40.05
CA MET A 1 -11.00 -9.17 39.23
C MET A 1 -10.37 -10.30 38.40
N HIS A 2 -10.66 -10.27 37.09
CA HIS A 2 -10.15 -11.24 36.12
C HIS A 2 -8.79 -10.73 35.60
N ASN A 3 -7.89 -11.66 35.27
CA ASN A 3 -6.60 -11.35 34.67
C ASN A 3 -6.67 -11.43 33.15
N VAL A 4 -6.35 -10.33 32.49
CA VAL A 4 -6.45 -10.17 31.04
C VAL A 4 -5.04 -9.91 30.49
N LEU A 5 -4.60 -10.74 29.54
CA LEU A 5 -3.30 -10.60 28.90
C LEU A 5 -3.51 -10.13 27.46
N ILE A 6 -2.91 -8.98 27.11
CA ILE A 6 -3.01 -8.41 25.77
C ILE A 6 -1.59 -8.38 25.18
N VAL A 7 -1.37 -9.20 24.14
CA VAL A 7 -0.10 -9.24 23.45
C VAL A 7 -0.20 -8.34 22.22
N GLY A 8 0.53 -7.21 22.25
CA GLY A 8 0.40 -6.14 21.26
C GLY A 8 -0.55 -5.05 21.74
N ALA A 9 -0.11 -4.30 22.75
CA ALA A 9 -0.97 -3.39 23.48
C ALA A 9 -0.36 -1.98 23.53
N SER A 10 0.59 -1.69 22.63
CA SER A 10 1.36 -0.45 22.67
C SER A 10 0.57 0.70 22.01
N ARG A 11 -0.20 0.39 20.96
CA ARG A 11 -0.89 1.39 20.12
C ARG A 11 -2.16 0.78 19.53
N GLY A 12 -2.98 1.63 18.90
CA GLY A 12 -4.16 1.19 18.13
C GLY A 12 -5.19 0.44 18.97
N ILE A 13 -5.76 -0.60 18.38
CA ILE A 13 -6.83 -1.39 18.98
C ILE A 13 -6.30 -2.09 20.25
N GLY A 14 -5.04 -2.53 20.21
CA GLY A 14 -4.37 -3.14 21.34
C GLY A 14 -4.43 -2.24 22.57
N LEU A 15 -4.01 -0.99 22.39
CA LEU A 15 -4.03 -0.02 23.47
C LEU A 15 -5.49 0.25 23.89
N GLY A 16 -6.40 0.26 22.92
CA GLY A 16 -7.82 0.47 23.15
C GLY A 16 -8.43 -0.66 23.95
N LEU A 17 -8.03 -1.90 23.63
CA LEU A 17 -8.48 -3.08 24.34
C LEU A 17 -8.03 -3.02 25.80
N ALA A 18 -6.78 -2.58 26.04
CA ALA A 18 -6.24 -2.47 27.40
C ALA A 18 -7.08 -1.49 28.23
N ASP A 19 -7.39 -0.33 27.64
CA ASP A 19 -8.21 0.69 28.27
C ASP A 19 -9.62 0.13 28.55
N ALA A 20 -10.21 -0.54 27.54
CA ALA A 20 -11.58 -1.03 27.63
C ALA A 20 -11.73 -2.06 28.77
N PHE A 21 -10.75 -2.96 28.91
CA PHE A 21 -10.74 -3.98 29.98
C PHE A 21 -10.50 -3.32 31.34
N LEU A 22 -9.58 -2.36 31.42
CA LEU A 22 -9.33 -1.58 32.64
C LEU A 22 -10.64 -0.95 33.15
N GLN A 23 -11.43 -0.40 32.22
CA GLN A 23 -12.70 0.26 32.55
C GLN A 23 -13.72 -0.76 33.06
N ARG A 24 -13.60 -2.02 32.62
CA ARG A 24 -14.50 -3.09 33.07
C ARG A 24 -14.01 -3.71 34.40
N GLY A 25 -12.86 -3.26 34.91
CA GLY A 25 -12.39 -3.60 36.28
C GLY A 25 -11.38 -4.75 36.32
N ALA A 26 -10.83 -5.10 35.16
CA ALA A 26 -9.86 -6.17 35.05
C ALA A 26 -8.48 -5.71 35.52
N GLN A 27 -7.66 -6.68 35.94
CA GLN A 27 -6.22 -6.59 36.00
C GLN A 27 -5.69 -6.90 34.60
N VAL A 28 -4.88 -5.99 34.05
CA VAL A 28 -4.46 -6.07 32.65
C VAL A 28 -2.93 -6.17 32.59
N PHE A 29 -2.47 -7.19 31.86
CA PHE A 29 -1.06 -7.41 31.58
C PHE A 29 -0.84 -7.12 30.09
N ALA A 30 -0.21 -5.98 29.82
CA ALA A 30 0.04 -5.50 28.45
C ALA A 30 1.45 -5.86 28.02
N VAL A 31 1.57 -6.53 26.87
CA VAL A 31 2.86 -6.91 26.33
C VAL A 31 3.10 -6.11 25.04
N ALA A 32 4.35 -5.65 24.87
CA ALA A 32 4.77 -4.89 23.71
C ALA A 32 6.30 -4.99 23.55
N ARG A 33 6.79 -4.78 22.32
CA ARG A 33 8.21 -4.88 22.00
C ARG A 33 9.01 -3.80 22.75
N ARG A 34 8.48 -2.58 22.78
CA ARG A 34 9.13 -1.44 23.42
C ARG A 34 8.07 -0.69 24.24
N PRO A 35 7.68 -1.22 25.42
CA PRO A 35 6.62 -0.63 26.24
C PRO A 35 6.89 0.81 26.69
N GLN A 36 8.16 1.11 26.99
CA GLN A 36 8.59 2.42 27.51
C GLN A 36 8.46 3.50 26.42
N GLY A 37 8.67 3.11 25.16
CA GLY A 37 8.61 4.00 24.02
C GLY A 37 7.23 4.08 23.37
N SER A 38 6.17 3.74 24.12
CA SER A 38 4.79 4.03 23.74
C SER A 38 4.17 5.00 24.75
N PRO A 39 3.97 6.29 24.39
CA PRO A 39 3.47 7.29 25.35
C PRO A 39 2.04 6.98 25.82
N GLY A 40 1.24 6.38 24.94
CA GLY A 40 -0.13 5.98 25.25
C GLY A 40 -0.17 5.01 26.41
N LEU A 41 0.56 3.89 26.24
CA LEU A 41 0.61 2.78 27.21
C LEU A 41 1.15 3.25 28.57
N GLN A 42 2.24 4.03 28.55
CA GLN A 42 2.88 4.56 29.76
C GLN A 42 1.88 5.40 30.57
N ALA A 43 1.12 6.24 29.85
CA ALA A 43 0.17 7.15 30.47
C ALA A 43 -1.04 6.35 30.99
N LEU A 44 -1.44 5.32 30.23
CA LEU A 44 -2.50 4.41 30.65
C LEU A 44 -2.07 3.67 31.93
N ALA A 45 -0.80 3.25 31.97
CA ALA A 45 -0.20 2.53 33.09
C ALA A 45 -0.24 3.39 34.36
N GLU A 46 0.12 4.67 34.22
CA GLU A 46 0.28 5.57 35.37
C GLU A 46 -1.08 5.99 35.93
N ARG A 47 -2.13 6.04 35.10
CA ARG A 47 -3.54 6.05 35.55
C ARG A 47 -3.91 4.58 35.88
N ALA A 48 -4.48 4.34 37.07
CA ALA A 48 -4.91 3.00 37.49
C ALA A 48 -3.75 2.13 38.03
N GLY A 49 -2.50 2.63 37.97
CA GLY A 49 -1.40 2.14 38.81
C GLY A 49 -1.05 0.69 38.55
N GLU A 50 -1.16 -0.14 39.60
CA GLU A 50 -0.75 -1.55 39.59
C GLU A 50 -1.68 -2.40 38.70
N ARG A 51 -2.87 -1.87 38.40
CA ARG A 51 -3.91 -2.62 37.71
C ARG A 51 -3.59 -2.81 36.22
N LEU A 52 -2.60 -2.05 35.70
CA LEU A 52 -2.02 -2.28 34.38
C LEU A 52 -0.51 -2.47 34.53
N GLN A 53 -0.03 -3.63 34.06
CA GLN A 53 1.38 -3.99 34.06
C GLN A 53 1.85 -4.09 32.60
N ALA A 54 2.92 -3.34 32.30
CA ALA A 54 3.61 -3.37 31.02
C ALA A 54 4.70 -4.45 31.07
N VAL A 55 4.81 -5.24 30.00
CA VAL A 55 5.81 -6.30 29.88
C VAL A 55 6.48 -6.17 28.52
N THR A 56 7.82 -6.21 28.51
CA THR A 56 8.58 -6.32 27.26
C THR A 56 8.39 -7.77 26.74
N GLY A 57 8.19 -7.90 25.43
CA GLY A 57 7.87 -9.17 24.81
C GLY A 57 7.57 -9.00 23.34
N ASP A 58 8.28 -9.76 22.50
CA ASP A 58 8.04 -9.85 21.07
C ASP A 58 7.46 -11.24 20.77
N LEU A 59 6.22 -11.26 20.27
CA LEU A 59 5.51 -12.44 19.82
C LEU A 59 6.39 -13.34 18.93
N ASN A 60 7.24 -12.71 18.10
CA ASN A 60 8.06 -13.40 17.10
C ASN A 60 9.29 -14.07 17.73
N GLN A 61 9.62 -13.75 18.98
CA GLN A 61 10.70 -14.41 19.70
C GLN A 61 10.16 -15.72 20.29
N HIS A 62 11.03 -16.72 20.42
CA HIS A 62 10.63 -18.05 20.90
C HIS A 62 10.57 -18.08 22.43
N ASP A 63 11.20 -17.10 23.10
CA ASP A 63 11.22 -17.03 24.56
C ASP A 63 10.05 -16.18 25.09
N CYS A 64 9.07 -15.86 24.23
CA CYS A 64 8.05 -14.86 24.56
C CYS A 64 7.12 -15.36 25.69
N ALA A 65 6.70 -16.62 25.60
CA ALA A 65 5.79 -17.22 26.58
C ALA A 65 6.48 -17.34 27.95
N GLU A 66 7.79 -17.59 27.94
CA GLU A 66 8.58 -17.76 29.16
C GLU A 66 8.66 -16.41 29.88
N ARG A 67 8.92 -15.34 29.13
CA ARG A 67 9.03 -14.00 29.69
C ARG A 67 7.68 -13.57 30.29
N ILE A 68 6.58 -13.88 29.59
CA ILE A 68 5.23 -13.61 30.09
C ILE A 68 4.96 -14.48 31.32
N GLY A 69 5.41 -15.75 31.26
CA GLY A 69 5.17 -16.75 32.30
C GLY A 69 5.78 -16.37 33.64
N GLU A 70 7.09 -16.11 33.65
CA GLU A 70 7.79 -15.78 34.90
C GLU A 70 7.18 -14.48 35.46
N MET A 71 6.81 -13.56 34.57
CA MET A 71 6.24 -12.27 34.93
C MET A 71 4.88 -12.45 35.64
N LEU A 72 4.00 -13.28 35.06
CA LEU A 72 2.68 -13.58 35.67
C LEU A 72 2.86 -14.27 37.04
N GLY A 73 3.89 -15.12 37.11
CA GLY A 73 4.10 -16.01 38.23
C GLY A 73 3.11 -17.15 38.21
N GLU A 74 2.26 -17.24 39.25
CA GLU A 74 1.36 -18.36 39.46
C GLU A 74 -0.04 -18.04 38.91
N ARG A 75 -0.31 -16.76 38.61
CA ARG A 75 -1.71 -16.40 38.36
C ARG A 75 -2.11 -16.96 36.98
N ARG A 76 -3.39 -17.33 36.90
CA ARG A 76 -4.01 -17.86 35.71
C ARG A 76 -4.48 -16.70 34.83
N ILE A 77 -4.66 -16.99 33.54
CA ILE A 77 -5.15 -16.03 32.55
C ILE A 77 -6.63 -16.32 32.28
N ASP A 78 -7.47 -15.30 32.45
CA ASP A 78 -8.91 -15.42 32.19
C ASP A 78 -9.22 -15.08 30.74
N ARG A 79 -8.55 -14.04 30.23
CA ARG A 79 -8.68 -13.59 28.86
C ARG A 79 -7.29 -13.36 28.26
N LEU A 80 -7.01 -14.08 27.17
CA LEU A 80 -5.77 -13.99 26.44
C LEU A 80 -6.10 -13.44 25.05
N ILE A 81 -5.52 -12.29 24.72
CA ILE A 81 -5.79 -11.62 23.47
C ILE A 81 -4.48 -11.40 22.72
N VAL A 82 -4.37 -12.03 21.54
CA VAL A 82 -3.19 -11.91 20.71
C VAL A 82 -3.47 -10.91 19.59
N ASN A 83 -2.88 -9.71 19.68
CA ASN A 83 -3.06 -8.66 18.72
C ASN A 83 -1.69 -8.39 18.10
N ALA A 84 -1.27 -9.16 17.11
CA ALA A 84 0.02 -8.85 16.43
C ALA A 84 -0.07 -9.25 14.96
N GLY A 85 -0.53 -8.29 14.15
CA GLY A 85 -0.74 -8.45 12.72
C GLY A 85 -0.06 -7.35 11.91
N ILE A 86 0.56 -7.74 10.80
CA ILE A 86 1.19 -6.84 9.86
C ILE A 86 0.50 -7.00 8.50
N TYR A 87 0.65 -5.98 7.66
CA TYR A 87 -0.03 -5.90 6.37
C TYR A 87 0.62 -6.86 5.38
N GLY A 88 1.95 -6.99 5.45
CA GLY A 88 2.77 -7.61 4.41
C GLY A 88 3.26 -6.55 3.42
N PRO A 89 3.81 -6.91 2.25
CA PRO A 89 4.34 -5.92 1.32
C PRO A 89 3.25 -4.92 0.87
N GLN A 90 3.63 -3.65 0.73
CA GLN A 90 2.70 -2.57 0.35
C GLN A 90 1.95 -2.91 -0.94
N GLN A 91 2.66 -3.47 -1.92
CA GLN A 91 2.09 -3.75 -3.24
C GLN A 91 1.11 -4.95 -3.20
N GLN A 92 1.24 -5.83 -2.20
CA GLN A 92 0.36 -6.99 -2.03
C GLN A 92 0.35 -7.83 -3.32
N ASP A 93 1.54 -8.02 -3.89
CA ASP A 93 1.73 -8.59 -5.20
C ASP A 93 2.46 -9.93 -5.09
N VAL A 94 1.77 -11.01 -5.49
CA VAL A 94 2.32 -12.38 -5.47
C VAL A 94 3.55 -12.50 -6.40
N ALA A 95 3.61 -11.65 -7.43
CA ALA A 95 4.70 -11.65 -8.39
C ALA A 95 5.98 -11.07 -7.79
N GLU A 96 5.88 -10.33 -6.68
CA GLU A 96 7.01 -9.55 -6.17
C GLU A 96 7.49 -10.03 -4.80
N ILE A 97 6.66 -10.75 -4.05
CA ILE A 97 6.98 -11.16 -2.69
C ILE A 97 8.07 -12.25 -2.69
N ASP A 98 9.11 -12.06 -1.87
CA ASP A 98 10.25 -13.00 -1.76
C ASP A 98 10.03 -13.92 -0.54
N ALA A 99 10.98 -14.84 -0.32
CA ALA A 99 10.91 -15.83 0.76
C ALA A 99 10.91 -15.14 2.13
N GLU A 100 11.84 -14.20 2.35
CA GLU A 100 11.97 -13.46 3.62
C GLU A 100 10.61 -12.85 3.99
N GLN A 101 10.01 -12.13 3.05
CA GLN A 101 8.74 -11.46 3.24
C GLN A 101 7.62 -12.46 3.52
N THR A 102 7.61 -13.57 2.78
CA THR A 102 6.61 -14.61 2.97
C THR A 102 6.73 -15.19 4.38
N ALA A 103 7.95 -15.56 4.78
CA ALA A 103 8.21 -16.07 6.13
C ALA A 103 7.70 -15.09 7.19
N GLN A 104 8.04 -13.82 7.04
CA GLN A 104 7.73 -12.80 8.04
C GLN A 104 6.21 -12.65 8.18
N LEU A 105 5.50 -12.63 7.05
CA LEU A 105 4.06 -12.37 7.01
C LEU A 105 3.30 -13.51 7.70
N PHE A 106 3.65 -14.76 7.38
CA PHE A 106 2.90 -15.90 7.88
C PHE A 106 3.36 -16.26 9.31
N LEU A 107 4.65 -16.06 9.63
CA LEU A 107 5.12 -16.23 11.00
C LEU A 107 4.37 -15.25 11.92
N THR A 108 4.34 -13.98 11.55
CA THR A 108 3.80 -12.93 12.40
C THR A 108 2.28 -13.04 12.54
N ASN A 109 1.55 -13.32 11.45
CA ASN A 109 0.10 -13.20 11.44
C ASN A 109 -0.61 -14.51 11.82
N ALA A 110 0.07 -15.65 11.68
CA ALA A 110 -0.60 -16.95 11.80
C ALA A 110 0.16 -17.86 12.77
N ILE A 111 1.44 -18.12 12.49
CA ILE A 111 2.17 -19.18 13.15
C ILE A 111 2.54 -18.78 14.59
N ALA A 112 3.14 -17.59 14.76
CA ALA A 112 3.63 -17.11 16.04
C ALA A 112 2.47 -16.91 17.01
N PRO A 113 1.31 -16.33 16.59
CA PRO A 113 0.15 -16.26 17.49
C PRO A 113 -0.26 -17.62 18.06
N LEU A 114 -0.30 -18.67 17.22
CA LEU A 114 -0.64 -20.03 17.70
C LEU A 114 0.47 -20.57 18.61
N ARG A 115 1.74 -20.28 18.28
CA ARG A 115 2.84 -20.73 19.08
C ARG A 115 2.70 -20.19 20.52
N LEU A 116 2.39 -18.88 20.65
CA LEU A 116 2.27 -18.25 21.95
C LEU A 116 1.07 -18.82 22.71
N ALA A 117 -0.11 -18.79 22.08
CA ALA A 117 -1.37 -19.21 22.72
C ALA A 117 -1.27 -20.66 23.20
N ARG A 118 -0.68 -21.56 22.40
CA ARG A 118 -0.52 -22.95 22.80
C ARG A 118 0.40 -23.08 24.03
N ALA A 119 1.48 -22.28 24.05
CA ALA A 119 2.46 -22.33 25.14
C ALA A 119 1.84 -21.87 26.47
N LEU A 120 0.87 -20.95 26.41
CA LEU A 120 0.21 -20.37 27.58
C LEU A 120 -1.13 -21.07 27.88
N SER A 121 -1.58 -21.97 26.99
CA SER A 121 -2.92 -22.56 27.08
C SER A 121 -3.16 -23.22 28.46
N GLY A 122 -2.16 -23.95 28.96
CA GLY A 122 -2.21 -24.63 30.26
C GLY A 122 -2.49 -23.70 31.44
N ARG A 123 -2.27 -22.39 31.25
CA ARG A 123 -2.37 -21.40 32.30
C ARG A 123 -3.66 -20.56 32.16
N VAL A 124 -4.40 -20.74 31.05
CA VAL A 124 -5.68 -20.04 30.90
C VAL A 124 -6.77 -20.78 31.72
N SER A 125 -7.61 -19.99 32.40
CA SER A 125 -8.72 -20.50 33.18
C SER A 125 -9.64 -21.34 32.29
N ARG A 126 -10.13 -22.44 32.86
CA ARG A 126 -11.19 -23.23 32.24
C ARG A 126 -12.45 -22.35 32.19
N GLY A 127 -13.09 -22.28 31.03
CA GLY A 127 -14.22 -21.39 30.80
C GLY A 127 -13.80 -19.95 30.53
N GLY A 128 -12.50 -19.71 30.38
CA GLY A 128 -11.99 -18.42 29.91
C GLY A 128 -12.08 -18.30 28.39
N VAL A 129 -11.34 -17.33 27.83
CA VAL A 129 -11.41 -16.97 26.42
C VAL A 129 -10.00 -16.67 25.90
N VAL A 130 -9.63 -17.33 24.80
CA VAL A 130 -8.44 -17.02 24.02
C VAL A 130 -8.91 -16.44 22.69
N ALA A 131 -8.52 -15.18 22.40
CA ALA A 131 -8.99 -14.45 21.23
C ALA A 131 -7.80 -13.98 20.38
N PHE A 132 -7.95 -14.06 19.05
CA PHE A 132 -6.92 -13.64 18.12
C PHE A 132 -7.50 -12.53 17.23
N MET A 133 -6.73 -11.44 17.03
CA MET A 133 -7.10 -10.42 16.10
C MET A 133 -6.93 -10.97 14.68
N SER A 134 -8.07 -11.09 13.99
CA SER A 134 -8.13 -11.57 12.63
C SER A 134 -8.61 -10.40 11.76
N SER A 135 -9.39 -10.70 10.73
CA SER A 135 -9.94 -9.70 9.85
C SER A 135 -11.10 -10.33 9.09
N GLN A 136 -12.06 -9.50 8.67
CA GLN A 136 -13.11 -9.91 7.76
C GLN A 136 -12.47 -10.34 6.44
N MET A 137 -11.26 -9.84 6.13
CA MET A 137 -10.51 -10.18 4.92
C MET A 137 -10.11 -11.66 4.91
N ALA A 138 -10.15 -12.31 6.10
CA ALA A 138 -9.87 -13.73 6.25
C ALA A 138 -11.03 -14.58 5.72
N SER A 139 -12.23 -14.00 5.64
CA SER A 139 -13.45 -14.72 5.28
C SER A 139 -13.44 -15.08 3.79
N LEU A 140 -13.38 -16.39 3.52
CA LEU A 140 -13.55 -16.94 2.18
C LEU A 140 -14.97 -16.64 1.67
N ALA A 141 -15.98 -16.91 2.51
CA ALA A 141 -17.38 -16.69 2.09
C ALA A 141 -17.59 -15.23 1.64
N LEU A 142 -17.09 -14.26 2.40
CA LEU A 142 -17.29 -12.85 2.07
C LEU A 142 -16.45 -12.45 0.84
N GLY A 143 -15.23 -13.00 0.73
CA GLY A 143 -14.27 -12.70 -0.34
C GLY A 143 -14.08 -11.20 -0.59
N LEU A 144 -13.64 -10.45 0.43
CA LEU A 144 -13.56 -9.00 0.36
C LEU A 144 -12.10 -8.52 0.24
N SER A 145 -11.14 -9.45 0.05
CA SER A 145 -9.75 -9.12 0.23
C SER A 145 -9.00 -8.86 -1.09
N ALA A 146 -9.73 -8.50 -2.16
CA ALA A 146 -9.16 -8.25 -3.49
C ALA A 146 -8.02 -7.22 -3.43
N THR A 147 -8.21 -6.14 -2.65
CA THR A 147 -7.28 -5.03 -2.63
C THR A 147 -6.08 -5.33 -1.72
N MET A 148 -6.18 -6.34 -0.85
CA MET A 148 -5.06 -6.71 0.03
C MET A 148 -5.01 -8.24 0.17
N PRO A 149 -4.69 -8.97 -0.93
CA PRO A 149 -4.81 -10.41 -0.95
C PRO A 149 -3.88 -11.15 0.02
N LEU A 150 -2.65 -10.65 0.19
CA LEU A 150 -1.63 -11.33 1.00
C LEU A 150 -1.99 -11.20 2.48
N TYR A 151 -2.44 -10.00 2.87
CA TYR A 151 -2.94 -9.77 4.19
C TYR A 151 -4.08 -10.75 4.50
N GLY A 152 -5.09 -10.78 3.63
CA GLY A 152 -6.27 -11.66 3.80
C GLY A 152 -5.92 -13.14 3.89
N ALA A 153 -4.97 -13.58 3.06
CA ALA A 153 -4.52 -14.96 3.04
C ALA A 153 -3.79 -15.30 4.36
N SER A 154 -2.96 -14.37 4.85
CA SER A 154 -2.26 -14.55 6.12
C SER A 154 -3.28 -14.76 7.25
N LYS A 155 -4.41 -14.06 7.18
CA LYS A 155 -5.43 -14.12 8.21
C LYS A 155 -6.33 -15.35 8.03
N ALA A 156 -6.55 -15.77 6.79
CA ALA A 156 -7.24 -17.02 6.53
C ALA A 156 -6.45 -18.17 7.15
N ALA A 157 -5.12 -18.09 7.05
CA ALA A 157 -4.22 -19.09 7.61
C ALA A 157 -4.34 -19.14 9.15
N LEU A 158 -4.38 -17.96 9.78
CA LEU A 158 -4.63 -17.80 11.20
C LEU A 158 -5.94 -18.50 11.57
N ASN A 159 -7.03 -18.14 10.89
CA ASN A 159 -8.34 -18.73 11.16
C ASN A 159 -8.26 -20.26 11.05
N SER A 160 -7.57 -20.75 10.01
CA SER A 160 -7.44 -22.17 9.75
C SER A 160 -6.80 -22.86 10.97
N LEU A 161 -5.68 -22.29 11.43
CA LEU A 161 -4.89 -22.87 12.53
C LEU A 161 -5.72 -22.92 13.82
N VAL A 162 -6.55 -21.90 14.02
CA VAL A 162 -7.33 -21.82 15.23
C VAL A 162 -8.45 -22.87 15.19
N ARG A 163 -9.12 -22.99 14.04
CA ARG A 163 -10.15 -24.02 13.84
C ARG A 163 -9.52 -25.42 14.01
N SER A 164 -8.30 -25.60 13.51
CA SER A 164 -7.60 -26.88 13.63
C SER A 164 -7.31 -27.20 15.09
N TRP A 165 -6.93 -26.19 15.87
CA TRP A 165 -6.66 -26.33 17.30
C TRP A 165 -7.94 -26.80 18.02
N GLU A 166 -9.09 -26.14 17.74
CA GLU A 166 -10.37 -26.54 18.30
C GLU A 166 -10.59 -28.03 18.02
N GLY A 167 -10.17 -28.46 16.82
CA GLY A 167 -10.35 -29.84 16.36
C GLY A 167 -9.60 -30.87 17.19
N GLU A 168 -8.68 -30.45 18.07
CA GLU A 168 -7.86 -31.35 18.90
C GLU A 168 -8.61 -31.81 20.16
N PHE A 169 -9.56 -31.02 20.64
CA PHE A 169 -10.24 -31.30 21.91
C PHE A 169 -11.57 -32.02 21.67
N GLU A 170 -11.92 -32.91 22.60
CA GLU A 170 -13.23 -33.54 22.62
C GLU A 170 -14.28 -32.47 22.94
N GLU A 171 -14.01 -31.71 24.02
CA GLU A 171 -14.75 -30.47 24.34
C GLU A 171 -13.71 -29.37 24.57
N LEU A 172 -13.99 -28.17 24.06
CA LEU A 172 -13.11 -27.04 24.31
C LEU A 172 -13.03 -26.77 25.80
N PRO A 173 -11.81 -26.55 26.37
CA PRO A 173 -11.68 -26.10 27.76
C PRO A 173 -11.87 -24.58 27.92
N PHE A 174 -11.76 -23.83 26.82
CA PHE A 174 -12.01 -22.39 26.81
C PHE A 174 -12.54 -21.99 25.43
N SER A 175 -13.00 -20.74 25.29
CA SER A 175 -13.46 -20.24 24.01
C SER A 175 -12.25 -19.84 23.14
N LEU A 176 -12.42 -20.01 21.83
CA LEU A 176 -11.44 -19.58 20.82
C LEU A 176 -12.12 -18.55 19.89
N LEU A 177 -11.76 -17.28 20.03
CA LEU A 177 -12.36 -16.23 19.22
C LEU A 177 -11.37 -15.77 18.15
N LEU A 178 -11.92 -15.49 16.97
CA LEU A 178 -11.24 -14.75 15.93
C LEU A 178 -12.02 -13.46 15.70
N LEU A 179 -11.33 -12.34 15.86
CA LEU A 179 -11.97 -11.04 15.96
C LEU A 179 -11.71 -10.21 14.71
N HIS A 180 -12.78 -9.65 14.14
CA HIS A 180 -12.68 -8.58 13.20
C HIS A 180 -12.92 -7.26 13.91
N PRO A 181 -11.91 -6.37 14.01
CA PRO A 181 -12.07 -5.14 14.79
C PRO A 181 -12.85 -4.02 14.08
N GLY A 182 -13.17 -4.20 12.80
CA GLY A 182 -13.66 -3.13 11.93
C GLY A 182 -12.46 -2.33 11.42
N TRP A 183 -12.69 -1.13 10.86
CA TRP A 183 -11.57 -0.37 10.28
C TRP A 183 -11.21 0.87 11.09
N LEU A 195 -15.87 4.69 12.58
CA LEU A 195 -15.53 3.77 13.67
C LEU A 195 -14.22 4.20 14.34
N SER A 196 -14.30 4.57 15.61
CA SER A 196 -13.14 4.91 16.44
C SER A 196 -12.58 3.63 17.10
N VAL A 197 -11.34 3.76 17.58
CA VAL A 197 -10.64 2.73 18.34
C VAL A 197 -11.42 2.40 19.63
N GLU A 198 -12.04 3.40 20.23
CA GLU A 198 -12.77 3.24 21.48
C GLU A 198 -14.05 2.43 21.23
N GLU A 199 -14.76 2.74 20.13
CA GLU A 199 -16.01 2.03 19.80
C GLU A 199 -15.69 0.57 19.48
N SER A 200 -14.63 0.37 18.69
CA SER A 200 -14.18 -0.96 18.31
C SER A 200 -13.80 -1.79 19.55
N ALA A 201 -12.96 -1.21 20.41
CA ALA A 201 -12.39 -1.88 21.58
C ALA A 201 -13.51 -2.28 22.55
N ALA A 202 -14.43 -1.34 22.83
CA ALA A 202 -15.55 -1.57 23.73
C ALA A 202 -16.39 -2.75 23.22
N GLY A 203 -16.62 -2.79 21.90
CA GLY A 203 -17.43 -3.82 21.29
C GLY A 203 -16.78 -5.21 21.36
N LEU A 204 -15.46 -5.25 21.09
CA LEU A 204 -14.71 -6.49 21.07
C LEU A 204 -14.65 -7.09 22.48
N VAL A 205 -14.52 -6.21 23.47
CA VAL A 205 -14.53 -6.62 24.88
C VAL A 205 -15.89 -7.28 25.20
N ALA A 206 -16.98 -6.66 24.73
CA ALA A 206 -18.31 -7.21 24.91
C ALA A 206 -18.39 -8.60 24.24
N ALA A 207 -17.85 -8.72 23.02
CA ALA A 207 -17.82 -9.98 22.29
C ALA A 207 -17.00 -11.05 23.03
N VAL A 208 -15.85 -10.63 23.57
CA VAL A 208 -15.00 -11.51 24.33
C VAL A 208 -15.78 -12.01 25.56
N GLU A 209 -16.37 -11.09 26.32
CA GLU A 209 -17.05 -11.43 27.59
C GLU A 209 -18.30 -12.29 27.33
N ASP A 210 -18.94 -12.13 26.18
CA ASP A 210 -20.11 -12.94 25.78
C ASP A 210 -19.71 -14.42 25.56
N ALA A 211 -18.44 -14.68 25.25
CA ALA A 211 -17.97 -16.04 24.93
C ALA A 211 -17.53 -16.78 26.20
N ALA A 212 -17.37 -16.06 27.31
CA ALA A 212 -16.91 -16.62 28.58
C ALA A 212 -17.92 -17.63 29.12
N GLY A 213 -17.45 -18.85 29.40
CA GLY A 213 -18.28 -19.91 29.97
C GLY A 213 -19.06 -20.70 28.93
N VAL A 214 -18.85 -20.39 27.65
CA VAL A 214 -19.56 -21.05 26.56
C VAL A 214 -18.65 -22.14 25.94
N ASN A 215 -17.35 -21.85 25.84
CA ASN A 215 -16.35 -22.80 25.33
C ASN A 215 -16.68 -23.17 23.89
N ALA A 216 -16.74 -22.14 23.05
CA ALA A 216 -17.06 -22.23 21.63
C ALA A 216 -15.90 -21.62 20.83
N CYS A 217 -15.75 -22.07 19.58
CA CYS A 217 -14.93 -21.39 18.59
C CYS A 217 -15.85 -20.48 17.76
N ARG A 218 -15.62 -19.16 17.80
CA ARG A 218 -16.43 -18.19 17.05
C ARG A 218 -15.53 -17.24 16.27
N PHE A 219 -16.04 -16.81 15.10
CA PHE A 219 -15.50 -15.71 14.29
C PHE A 219 -16.50 -14.55 14.34
N VAL A 220 -16.13 -13.45 15.00
CA VAL A 220 -17.07 -12.35 15.26
C VAL A 220 -16.41 -10.99 15.01
N ASP A 221 -17.25 -9.98 14.78
CA ASP A 221 -16.77 -8.61 14.65
C ASP A 221 -16.97 -7.88 15.98
N TYR A 222 -16.68 -6.57 15.96
CA TYR A 222 -16.74 -5.70 17.12
C TYR A 222 -18.17 -5.48 17.61
N ARG A 223 -19.17 -5.97 16.85
CA ARG A 223 -20.58 -5.91 17.24
C ARG A 223 -21.05 -7.27 17.79
N ASN A 224 -20.15 -8.26 17.83
CA ASN A 224 -20.43 -9.63 18.22
C ASN A 224 -21.34 -10.30 17.18
N GLN A 225 -21.22 -9.91 15.91
CA GLN A 225 -21.92 -10.57 14.81
C GLN A 225 -21.04 -11.68 14.26
N PRO A 226 -21.59 -12.90 14.04
CA PRO A 226 -20.85 -13.97 13.36
C PRO A 226 -20.49 -13.60 11.92
N LEU A 227 -19.20 -13.71 11.60
CA LEU A 227 -18.73 -13.63 10.23
C LEU A 227 -18.67 -15.05 9.70
N PRO A 228 -19.05 -15.29 8.43
CA PRO A 228 -18.90 -16.63 7.86
C PRO A 228 -17.41 -16.89 7.61
N TRP A 229 -17.01 -18.18 7.65
CA TRP A 229 -15.63 -18.57 7.47
C TRP A 229 -15.15 -18.23 6.05
N MET B 1 6.80 29.03 31.41
CA MET B 1 5.91 28.16 30.61
C MET B 1 5.80 28.73 29.19
N HIS B 2 6.35 27.99 28.22
CA HIS B 2 6.11 28.23 26.80
C HIS B 2 4.81 27.51 26.39
N ASN B 3 4.04 28.13 25.48
CA ASN B 3 2.81 27.54 24.95
C ASN B 3 3.10 26.81 23.64
N VAL B 4 2.76 25.51 23.60
CA VAL B 4 3.00 24.64 22.46
C VAL B 4 1.64 24.16 21.92
N LEU B 5 1.40 24.39 20.64
CA LEU B 5 0.17 23.94 19.97
C LEU B 5 0.52 22.80 19.01
N ILE B 6 -0.12 21.64 19.23
CA ILE B 6 0.09 20.46 18.39
C ILE B 6 -1.24 20.14 17.72
N VAL B 7 -1.28 20.30 16.40
CA VAL B 7 -2.46 19.97 15.61
C VAL B 7 -2.26 18.57 15.06
N GLY B 8 -3.07 17.62 15.56
CA GLY B 8 -2.93 16.20 15.28
C GLY B 8 -2.16 15.49 16.39
N ALA B 9 -2.79 15.37 17.57
CA ALA B 9 -2.11 14.97 18.78
C ALA B 9 -2.82 13.79 19.47
N SER B 10 -3.66 13.08 18.72
CA SER B 10 -4.52 12.04 19.30
C SER B 10 -3.75 10.72 19.46
N ARG B 11 -2.85 10.42 18.52
CA ARG B 11 -2.18 9.12 18.40
C ARG B 11 -0.81 9.32 17.75
N GLY B 12 0.02 8.26 17.77
CA GLY B 12 1.29 8.21 17.07
C GLY B 12 2.27 9.29 17.51
N ILE B 13 2.98 9.86 16.55
CA ILE B 13 4.01 10.86 16.77
C ILE B 13 3.41 12.11 17.43
N GLY B 14 2.19 12.47 17.01
CA GLY B 14 1.48 13.60 17.58
C GLY B 14 1.32 13.46 19.07
N LEU B 15 0.83 12.30 19.52
CA LEU B 15 0.66 12.03 20.93
C LEU B 15 2.04 12.02 21.62
N GLY B 16 3.04 11.48 20.93
CA GLY B 16 4.41 11.43 21.41
C GLY B 16 5.00 12.82 21.60
N LEU B 17 4.73 13.71 20.63
CA LEU B 17 5.16 15.09 20.68
C LEU B 17 4.54 15.80 21.89
N ALA B 18 3.24 15.57 22.14
CA ALA B 18 2.53 16.17 23.27
C ALA B 18 3.17 15.76 24.59
N ASP B 19 3.47 14.46 24.72
CA ASP B 19 4.13 13.91 25.90
C ASP B 19 5.53 14.53 26.04
N ALA B 20 6.29 14.57 24.93
CA ALA B 20 7.67 15.03 24.94
C ALA B 20 7.76 16.49 25.42
N PHE B 21 6.84 17.35 24.95
CA PHE B 21 6.81 18.77 25.34
C PHE B 21 6.32 18.93 26.79
N LEU B 22 5.34 18.13 27.20
CA LEU B 22 4.87 18.10 28.59
C LEU B 22 6.05 17.81 29.54
N GLN B 23 6.90 16.85 29.15
CA GLN B 23 8.05 16.44 29.96
C GLN B 23 9.09 17.57 29.99
N ARG B 24 9.13 18.41 28.97
CA ARG B 24 10.05 19.56 28.92
C ARG B 24 9.48 20.77 29.69
N GLY B 25 8.24 20.66 30.19
CA GLY B 25 7.65 21.64 31.13
C GLY B 25 6.74 22.66 30.48
N ALA B 26 6.39 22.42 29.21
CA ALA B 26 5.55 23.31 28.44
C ALA B 26 4.08 23.16 28.86
N GLN B 27 3.31 24.21 28.61
CA GLN B 27 1.86 24.17 28.48
C GLN B 27 1.54 23.71 27.06
N VAL B 28 0.72 22.66 26.93
CA VAL B 28 0.47 22.02 25.65
C VAL B 28 -1.02 22.10 25.33
N PHE B 29 -1.30 22.60 24.12
CA PHE B 29 -2.63 22.64 23.56
C PHE B 29 -2.68 21.62 22.42
N ALA B 30 -3.37 20.50 22.68
CA ALA B 30 -3.47 19.38 21.75
C ALA B 30 -4.79 19.48 21.00
N VAL B 31 -4.71 19.46 19.67
CA VAL B 31 -5.89 19.51 18.83
C VAL B 31 -6.02 18.17 18.10
N ALA B 32 -7.25 17.66 18.00
CA ALA B 32 -7.54 16.39 17.33
C ALA B 32 -9.00 16.39 16.88
N ARG B 33 -9.30 15.59 15.86
CA ARG B 33 -10.66 15.43 15.35
C ARG B 33 -11.57 14.81 16.43
N ARG B 34 -11.06 13.80 17.15
CA ARG B 34 -11.83 13.08 18.17
C ARG B 34 -10.98 12.92 19.44
N PRO B 35 -10.75 14.02 20.21
CA PRO B 35 -9.89 13.96 21.40
C PRO B 35 -10.37 13.01 22.50
N GLN B 36 -11.69 12.91 22.67
CA GLN B 36 -12.35 12.12 23.72
C GLN B 36 -12.15 10.62 23.44
N GLY B 37 -12.10 10.25 22.15
CA GLY B 37 -11.91 8.85 21.73
C GLY B 37 -10.45 8.51 21.49
N SER B 38 -9.53 9.19 22.17
CA SER B 38 -8.13 8.80 22.25
C SER B 38 -7.77 8.52 23.71
N PRO B 39 -7.59 7.24 24.11
CA PRO B 39 -7.31 6.91 25.51
C PRO B 39 -5.95 7.44 25.98
N GLY B 40 -4.99 7.50 25.06
CA GLY B 40 -3.66 8.00 25.35
C GLY B 40 -3.70 9.47 25.77
N LEU B 41 -4.33 10.30 24.94
CA LEU B 41 -4.43 11.75 25.15
C LEU B 41 -5.17 12.08 26.45
N GLN B 42 -6.29 11.39 26.67
CA GLN B 42 -7.10 11.58 27.88
C GLN B 42 -6.29 11.27 29.14
N ALA B 43 -5.51 10.21 29.09
CA ALA B 43 -4.68 9.77 30.21
C ALA B 43 -3.50 10.72 30.41
N LEU B 44 -2.95 11.22 29.30
CA LEU B 44 -1.90 12.25 29.33
C LEU B 44 -2.46 13.53 29.97
N ALA B 45 -3.70 13.88 29.61
CA ALA B 45 -4.40 15.07 30.11
C ALA B 45 -4.58 14.96 31.63
N GLU B 46 -4.97 13.78 32.12
CA GLU B 46 -5.31 13.56 33.52
C GLU B 46 -4.05 13.59 34.41
N ARG B 47 -2.91 13.15 33.86
CA ARG B 47 -1.63 13.24 34.55
C ARG B 47 -1.14 14.70 34.71
N ALA B 48 -1.14 15.49 33.63
CA ALA B 48 -0.55 16.85 33.66
C ALA B 48 -1.54 17.88 34.22
N GLY B 49 -2.79 17.48 34.48
CA GLY B 49 -3.89 18.40 34.81
C GLY B 49 -4.13 19.46 33.74
N GLU B 50 -4.07 20.72 34.19
CA GLU B 50 -4.35 21.91 33.38
C GLU B 50 -3.28 22.12 32.29
N ARG B 51 -2.11 21.49 32.47
CA ARG B 51 -0.95 21.75 31.64
C ARG B 51 -1.09 21.10 30.25
N LEU B 52 -2.06 20.20 30.09
CA LEU B 52 -2.47 19.70 28.77
C LEU B 52 -3.95 19.97 28.57
N GLN B 53 -4.26 20.68 27.49
CA GLN B 53 -5.62 20.99 27.08
C GLN B 53 -5.88 20.31 25.73
N ALA B 54 -6.92 19.47 25.70
CA ALA B 54 -7.41 18.81 24.50
C ALA B 54 -8.48 19.70 23.86
N VAL B 55 -8.40 19.86 22.53
CA VAL B 55 -9.33 20.69 21.77
C VAL B 55 -9.81 19.88 20.55
N THR B 56 -11.12 19.85 20.33
CA THR B 56 -11.68 19.32 19.08
C THR B 56 -11.36 20.32 17.96
N GLY B 57 -10.96 19.81 16.80
CA GLY B 57 -10.49 20.62 15.69
C GLY B 57 -9.99 19.75 14.55
N ASP B 58 -10.55 19.99 13.36
CA ASP B 58 -10.14 19.36 12.12
C ASP B 58 -9.45 20.42 11.25
N LEU B 59 -8.16 20.21 10.99
CA LEU B 59 -7.33 21.03 10.12
C LEU B 59 -8.03 21.35 8.79
N ASN B 60 -8.81 20.39 8.28
CA ASN B 60 -9.46 20.47 6.97
C ASN B 60 -10.72 21.35 7.00
N GLN B 61 -11.23 21.69 8.19
CA GLN B 61 -12.35 22.61 8.32
C GLN B 61 -11.81 24.05 8.24
N HIS B 62 -12.62 24.97 7.72
CA HIS B 62 -12.18 26.34 7.47
C HIS B 62 -12.27 27.19 8.75
N ASP B 63 -13.02 26.72 9.74
CA ASP B 63 -13.20 27.41 11.01
C ASP B 63 -12.14 26.96 12.04
N CYS B 64 -11.11 26.22 11.61
CA CYS B 64 -10.21 25.52 12.55
C CYS B 64 -9.36 26.53 13.34
N ALA B 65 -8.83 27.54 12.64
CA ALA B 65 -7.96 28.54 13.26
C ALA B 65 -8.76 29.40 14.25
N GLU B 66 -10.04 29.66 13.92
CA GLU B 66 -10.92 30.45 14.76
C GLU B 66 -11.19 29.71 16.07
N ARG B 67 -11.47 28.41 15.97
CA ARG B 67 -11.75 27.58 17.14
C ARG B 67 -10.52 27.51 18.04
N ILE B 68 -9.33 27.36 17.44
CA ILE B 68 -8.07 27.37 18.18
C ILE B 68 -7.85 28.76 18.79
N GLY B 69 -8.18 29.81 18.03
CA GLY B 69 -7.98 31.21 18.43
C GLY B 69 -8.77 31.58 19.69
N GLU B 70 -10.09 31.37 19.65
CA GLU B 70 -10.95 31.71 20.78
C GLU B 70 -10.51 30.90 22.01
N MET B 71 -10.11 29.64 21.78
CA MET B 71 -9.69 28.72 22.82
C MET B 71 -8.40 29.21 23.49
N LEU B 72 -7.40 29.63 22.71
CA LEU B 72 -6.13 30.17 23.24
C LEU B 72 -6.39 31.46 24.02
N GLY B 73 -7.36 32.24 23.52
CA GLY B 73 -7.64 33.56 24.05
C GLY B 73 -6.60 34.56 23.58
N GLU B 74 -5.87 35.13 24.55
CA GLU B 74 -4.85 36.15 24.31
C GLU B 74 -3.45 35.51 24.20
N ARG B 75 -3.33 34.25 24.61
CA ARG B 75 -2.06 33.57 24.75
C ARG B 75 -1.38 33.47 23.37
N ARG B 76 -0.06 33.71 23.36
CA ARG B 76 0.74 33.61 22.16
C ARG B 76 1.23 32.16 22.05
N ILE B 77 1.60 31.78 20.81
CA ILE B 77 2.09 30.43 20.51
C ILE B 77 3.62 30.49 20.35
N ASP B 78 4.34 29.70 21.14
CA ASP B 78 5.79 29.64 21.08
C ASP B 78 6.23 28.59 20.07
N ARG B 79 5.53 27.45 20.08
CA ARG B 79 5.77 26.35 19.16
C ARG B 79 4.43 25.91 18.58
N LEU B 80 4.32 26.00 17.26
CA LEU B 80 3.17 25.54 16.51
C LEU B 80 3.63 24.37 15.66
N ILE B 81 3.01 23.20 15.87
CA ILE B 81 3.36 21.99 15.18
C ILE B 81 2.12 21.46 14.48
N VAL B 82 2.20 21.39 13.15
CA VAL B 82 1.10 20.94 12.33
C VAL B 82 1.41 19.51 11.88
N ASN B 83 0.69 18.53 12.44
CA ASN B 83 0.97 17.11 12.19
C ASN B 83 0.02 16.55 11.13
N ALA B 84 -1.07 15.89 11.52
CA ALA B 84 -2.10 15.40 10.55
C ALA B 84 -1.66 15.52 9.07
N GLY B 85 -1.14 14.42 8.50
CA GLY B 85 -1.02 14.12 7.07
C GLY B 85 -1.43 12.68 6.74
N ILE B 86 -1.80 12.41 5.49
CA ILE B 86 -2.36 11.14 5.05
C ILE B 86 -1.49 10.58 3.91
N TYR B 87 -1.60 9.27 3.70
CA TYR B 87 -0.82 8.54 2.71
C TYR B 87 -1.31 8.87 1.29
N GLY B 88 -2.63 9.02 1.14
CA GLY B 88 -3.29 9.05 -0.15
C GLY B 88 -3.74 7.65 -0.54
N PRO B 89 -4.15 7.38 -1.80
CA PRO B 89 -4.67 6.07 -2.16
C PRO B 89 -3.60 4.98 -1.95
N GLN B 90 -4.03 3.81 -1.48
CA GLN B 90 -3.14 2.70 -1.14
C GLN B 90 -2.24 2.34 -2.33
N GLN B 91 -2.82 2.33 -3.54
CA GLN B 91 -2.11 1.91 -4.77
C GLN B 91 -1.05 2.94 -5.20
N GLN B 92 -1.20 4.21 -4.78
CA GLN B 92 -0.26 5.27 -5.10
C GLN B 92 -0.06 5.34 -6.63
N ASP B 93 -1.17 5.25 -7.36
CA ASP B 93 -1.18 5.10 -8.79
C ASP B 93 -1.86 6.33 -9.43
N VAL B 94 -1.07 7.10 -10.20
CA VAL B 94 -1.54 8.30 -10.92
C VAL B 94 -2.65 7.93 -11.94
N ALA B 95 -2.63 6.68 -12.42
CA ALA B 95 -3.61 6.20 -13.40
C ALA B 95 -4.99 5.96 -12.74
N GLU B 96 -5.05 5.88 -11.41
CA GLU B 96 -6.26 5.43 -10.72
C GLU B 96 -6.86 6.53 -9.83
N ILE B 97 -6.08 7.53 -9.45
CA ILE B 97 -6.54 8.58 -8.52
C ILE B 97 -7.53 9.51 -9.22
N ASP B 98 -8.67 9.78 -8.56
CA ASP B 98 -9.73 10.66 -9.09
C ASP B 98 -9.59 12.07 -8.49
N ALA B 99 -10.46 12.98 -8.90
CA ALA B 99 -10.46 14.38 -8.49
C ALA B 99 -10.63 14.50 -6.97
N GLU B 100 -11.65 13.83 -6.42
CA GLU B 100 -11.96 13.86 -4.98
C GLU B 100 -10.71 13.50 -4.16
N GLN B 101 -10.08 12.38 -4.52
CA GLN B 101 -8.89 11.87 -3.85
C GLN B 101 -7.73 12.86 -4.00
N THR B 102 -7.56 13.46 -5.18
CA THR B 102 -6.50 14.41 -5.43
C THR B 102 -6.71 15.63 -4.54
N ALA B 103 -7.93 16.19 -4.53
CA ALA B 103 -8.27 17.32 -3.68
C ALA B 103 -7.94 17.00 -2.21
N GLN B 104 -8.37 15.83 -1.74
CA GLN B 104 -8.21 15.45 -0.34
C GLN B 104 -6.73 15.37 0.03
N LEU B 105 -5.91 14.77 -0.85
CA LEU B 105 -4.51 14.50 -0.56
C LEU B 105 -3.71 15.81 -0.45
N PHE B 106 -3.94 16.74 -1.39
CA PHE B 106 -3.17 17.97 -1.43
C PHE B 106 -3.76 19.00 -0.44
N LEU B 107 -5.08 19.01 -0.24
CA LEU B 107 -5.68 19.86 0.80
C LEU B 107 -5.12 19.46 2.17
N THR B 108 -5.13 18.16 2.48
CA THR B 108 -4.77 17.67 3.81
C THR B 108 -3.27 17.84 4.08
N ASN B 109 -2.42 17.52 3.09
CA ASN B 109 -0.98 17.38 3.34
C ASN B 109 -0.22 18.71 3.10
N ALA B 110 -0.80 19.62 2.32
CA ALA B 110 -0.05 20.78 1.84
C ALA B 110 -0.83 22.07 2.13
N ILE B 111 -2.05 22.18 1.58
CA ILE B 111 -2.75 23.44 1.52
C ILE B 111 -3.31 23.81 2.90
N ALA B 112 -4.00 22.88 3.55
CA ALA B 112 -4.68 23.14 4.83
C ALA B 112 -3.64 23.44 5.92
N PRO B 113 -2.50 22.73 5.99
CA PRO B 113 -1.44 23.11 6.92
C PRO B 113 -1.00 24.58 6.77
N LEU B 114 -0.79 25.05 5.54
CA LEU B 114 -0.41 26.47 5.31
C LEU B 114 -1.57 27.40 5.66
N ARG B 115 -2.81 26.98 5.39
CA ARG B 115 -3.97 27.80 5.69
C ARG B 115 -4.02 28.06 7.20
N LEU B 116 -3.82 27.02 8.01
CA LEU B 116 -3.89 27.14 9.46
C LEU B 116 -2.74 28.02 9.97
N ALA B 117 -1.50 27.65 9.59
CA ALA B 117 -0.30 28.33 10.10
C ALA B 117 -0.33 29.81 9.75
N ARG B 118 -0.76 30.16 8.53
CA ARG B 118 -0.85 31.57 8.13
C ARG B 118 -1.87 32.32 8.98
N ALA B 119 -3.00 31.68 9.27
CA ALA B 119 -4.09 32.30 10.03
C ALA B 119 -3.65 32.59 11.47
N LEU B 120 -2.76 31.75 12.03
CA LEU B 120 -2.28 31.84 13.41
C LEU B 120 -0.94 32.56 13.48
N SER B 121 -0.32 32.88 12.33
CA SER B 121 1.06 33.41 12.28
C SER B 121 1.21 34.67 13.17
N GLY B 122 0.22 35.56 13.11
CA GLY B 122 0.23 36.81 13.90
C GLY B 122 0.30 36.59 15.39
N ARG B 123 -0.02 35.38 15.85
CA ARG B 123 -0.14 35.05 17.27
C ARG B 123 1.06 34.20 17.73
N VAL B 124 1.94 33.80 16.80
CA VAL B 124 3.16 33.08 17.14
C VAL B 124 4.18 34.08 17.69
N SER B 125 4.87 33.70 18.79
CA SER B 125 5.91 34.53 19.39
C SER B 125 7.01 34.77 18.35
N ARG B 126 7.54 35.99 18.36
CA ARG B 126 8.73 36.33 17.59
C ARG B 126 9.88 35.50 18.16
N GLY B 127 10.64 34.86 17.28
CA GLY B 127 11.71 33.94 17.68
C GLY B 127 11.20 32.56 18.06
N GLY B 128 9.90 32.31 17.87
CA GLY B 128 9.33 30.98 18.05
C GLY B 128 9.58 30.11 16.83
N VAL B 129 8.83 29.00 16.75
CA VAL B 129 9.02 27.97 15.73
C VAL B 129 7.65 27.50 15.25
N VAL B 130 7.46 27.51 13.92
CA VAL B 130 6.34 26.88 13.26
C VAL B 130 6.90 25.69 12.48
N ALA B 131 6.46 24.47 12.83
CA ALA B 131 6.99 23.24 12.26
C ALA B 131 5.86 22.44 11.60
N PHE B 132 6.16 21.86 10.44
CA PHE B 132 5.21 21.04 9.69
C PHE B 132 5.78 19.62 9.57
N MET B 133 4.94 18.62 9.83
CA MET B 133 5.34 17.25 9.62
C MET B 133 5.41 17.00 8.10
N SER B 134 6.61 16.74 7.61
CA SER B 134 6.85 16.48 6.21
C SER B 134 7.33 15.03 6.10
N SER B 135 8.24 14.75 5.17
CA SER B 135 8.79 13.43 5.01
C SER B 135 10.10 13.54 4.24
N GLN B 136 11.00 12.56 4.43
CA GLN B 136 12.17 12.45 3.60
C GLN B 136 11.73 12.17 2.15
N MET B 137 10.53 11.61 1.98
CA MET B 137 9.93 11.32 0.66
C MET B 137 9.66 12.61 -0.12
N ALA B 138 9.62 13.75 0.57
CA ALA B 138 9.45 15.07 -0.05
C ALA B 138 10.73 15.51 -0.77
N SER B 139 11.88 14.93 -0.37
CA SER B 139 13.19 15.32 -0.91
C SER B 139 13.35 14.84 -2.35
N LEU B 140 13.42 15.82 -3.26
CA LEU B 140 13.77 15.58 -4.67
C LEU B 140 15.22 15.07 -4.75
N ALA B 141 16.15 15.72 -4.05
CA ALA B 141 17.56 15.32 -4.10
C ALA B 141 17.73 13.85 -3.72
N LEU B 142 17.08 13.41 -2.63
CA LEU B 142 17.22 12.03 -2.15
C LEU B 142 16.50 11.05 -3.10
N GLY B 143 15.34 11.49 -3.64
CA GLY B 143 14.51 10.70 -4.58
C GLY B 143 14.23 9.30 -4.07
N LEU B 144 13.58 9.20 -2.91
CA LEU B 144 13.36 7.92 -2.26
C LEU B 144 11.89 7.50 -2.36
N SER B 145 11.08 8.23 -3.12
CA SER B 145 9.63 8.09 -3.01
C SER B 145 9.04 7.25 -4.16
N ALA B 146 9.86 6.42 -4.81
CA ALA B 146 9.41 5.54 -5.90
C ALA B 146 8.21 4.68 -5.48
N THR B 147 8.24 4.12 -4.26
CA THR B 147 7.23 3.17 -3.82
C THR B 147 5.98 3.91 -3.29
N MET B 148 6.08 5.21 -3.01
CA MET B 148 4.90 5.99 -2.57
C MET B 148 4.91 7.37 -3.21
N PRO B 149 4.76 7.46 -4.55
CA PRO B 149 4.97 8.70 -5.28
C PRO B 149 4.00 9.84 -4.92
N LEU B 150 2.73 9.48 -4.67
CA LEU B 150 1.69 10.47 -4.43
C LEU B 150 1.88 11.11 -3.06
N TYR B 151 2.21 10.27 -2.07
CA TYR B 151 2.55 10.74 -0.75
C TYR B 151 3.72 11.73 -0.84
N GLY B 152 4.80 11.30 -1.48
CA GLY B 152 6.00 12.13 -1.63
C GLY B 152 5.75 13.46 -2.32
N ALA B 153 4.92 13.43 -3.37
CA ALA B 153 4.59 14.63 -4.14
C ALA B 153 3.74 15.58 -3.28
N SER B 154 2.81 15.03 -2.50
CA SER B 154 1.99 15.84 -1.59
C SER B 154 2.90 16.58 -0.59
N LYS B 155 3.99 15.93 -0.16
CA LYS B 155 4.89 16.49 0.81
C LYS B 155 5.88 17.46 0.16
N ALA B 156 6.26 17.19 -1.09
CA ALA B 156 7.08 18.12 -1.85
C ALA B 156 6.31 19.43 -2.01
N ALA B 157 4.99 19.31 -2.22
CA ALA B 157 4.11 20.46 -2.36
C ALA B 157 4.09 21.29 -1.07
N LEU B 158 3.97 20.60 0.07
CA LEU B 158 4.05 21.19 1.40
C LEU B 158 5.35 21.97 1.52
N ASN B 159 6.48 21.30 1.27
CA ASN B 159 7.80 21.94 1.38
C ASN B 159 7.84 23.20 0.49
N SER B 160 7.30 23.11 -0.73
CA SER B 160 7.31 24.20 -1.68
C SER B 160 6.59 25.41 -1.08
N LEU B 161 5.38 25.18 -0.54
CA LEU B 161 4.53 26.24 -0.01
C LEU B 161 5.21 26.93 1.17
N VAL B 162 5.94 26.15 1.98
CA VAL B 162 6.59 26.67 3.15
C VAL B 162 7.78 27.54 2.73
N ARG B 163 8.57 27.06 1.76
CA ARG B 163 9.67 27.84 1.19
C ARG B 163 9.15 29.15 0.57
N SER B 164 7.99 29.07 -0.10
CA SER B 164 7.39 30.25 -0.73
C SER B 164 6.98 31.26 0.35
N TRP B 165 6.45 30.77 1.48
CA TRP B 165 6.06 31.62 2.59
C TRP B 165 7.29 32.35 3.15
N GLU B 166 8.40 31.63 3.38
CA GLU B 166 9.65 32.22 3.82
C GLU B 166 10.02 33.37 2.87
N GLY B 167 9.76 33.16 1.58
CA GLY B 167 10.07 34.14 0.54
C GLY B 167 9.32 35.47 0.66
N GLU B 168 8.29 35.54 1.51
CA GLU B 168 7.45 36.75 1.67
C GLU B 168 8.09 37.76 2.63
N PHE B 169 8.94 37.28 3.56
CA PHE B 169 9.53 38.14 4.58
C PHE B 169 10.92 38.62 4.16
N GLU B 170 11.24 39.86 4.54
CA GLU B 170 12.61 40.35 4.44
C GLU B 170 13.49 39.56 5.41
N GLU B 171 13.03 39.47 6.67
CA GLU B 171 13.62 38.60 7.69
C GLU B 171 12.51 37.74 8.30
N LEU B 172 12.77 36.45 8.48
CA LEU B 172 11.78 35.58 9.12
C LEU B 172 11.53 36.08 10.54
N PRO B 173 10.25 36.20 10.97
CA PRO B 173 9.94 36.52 12.37
C PRO B 173 9.97 35.29 13.29
N PHE B 174 9.91 34.09 12.71
CA PHE B 174 10.01 32.84 13.45
C PHE B 174 10.67 31.79 12.53
N SER B 175 11.03 30.64 13.10
CA SER B 175 11.56 29.55 12.31
C SER B 175 10.43 28.80 11.59
N LEU B 176 10.74 28.28 10.40
CA LEU B 176 9.86 27.41 9.63
C LEU B 176 10.56 26.05 9.46
N LEU B 177 10.09 25.02 10.18
CA LEU B 177 10.69 23.70 10.09
C LEU B 177 9.79 22.77 9.27
N LEU B 178 10.44 21.91 8.50
CA LEU B 178 9.83 20.78 7.87
C LEU B 178 10.52 19.53 8.43
N LEU B 179 9.73 18.65 9.04
CA LEU B 179 10.24 17.58 9.86
C LEU B 179 10.06 16.24 9.17
N HIS B 180 11.13 15.45 9.11
CA HIS B 180 11.03 14.04 8.84
C HIS B 180 11.07 13.28 10.15
N PRO B 181 10.00 12.57 10.56
CA PRO B 181 9.96 11.91 11.85
C PRO B 181 10.74 10.59 11.94
N GLY B 182 11.21 10.08 10.80
CA GLY B 182 11.72 8.71 10.68
C GLY B 182 10.56 7.76 10.51
N TRP B 183 10.77 6.45 10.69
CA TRP B 183 9.71 5.47 10.45
C TRP B 183 9.24 4.82 11.76
N LEU B 195 13.08 2.26 15.49
CA LEU B 195 12.74 3.63 15.95
C LEU B 195 11.33 3.65 16.56
N SER B 196 11.26 3.96 17.85
CA SER B 196 10.01 4.10 18.59
C SER B 196 9.46 5.53 18.45
N VAL B 197 8.17 5.68 18.77
CA VAL B 197 7.47 6.94 18.79
C VAL B 197 8.14 7.89 19.80
N GLU B 198 8.60 7.33 20.93
CA GLU B 198 9.17 8.11 22.00
C GLU B 198 10.53 8.67 21.54
N GLU B 199 11.35 7.85 20.86
CA GLU B 199 12.68 8.32 20.46
C GLU B 199 12.53 9.33 19.31
N SER B 200 11.58 9.12 18.40
CA SER B 200 11.30 10.06 17.33
C SER B 200 10.84 11.41 17.91
N ALA B 201 9.86 11.37 18.83
CA ALA B 201 9.23 12.56 19.39
C ALA B 201 10.25 13.39 20.17
N ALA B 202 11.06 12.71 21.00
CA ALA B 202 12.11 13.35 21.79
C ALA B 202 13.10 14.07 20.86
N GLY B 203 13.45 13.42 19.75
CA GLY B 203 14.39 13.96 18.78
C GLY B 203 13.86 15.20 18.08
N LEU B 204 12.59 15.13 17.66
CA LEU B 204 11.94 16.23 16.92
C LEU B 204 11.80 17.44 17.83
N VAL B 205 11.51 17.21 19.12
CA VAL B 205 11.42 18.27 20.12
C VAL B 205 12.78 18.95 20.22
N ALA B 206 13.86 18.16 20.26
CA ALA B 206 15.22 18.68 20.30
C ALA B 206 15.47 19.55 19.05
N ALA B 207 15.05 19.05 17.88
CA ALA B 207 15.21 19.76 16.60
C ALA B 207 14.41 21.07 16.60
N VAL B 208 13.17 21.01 17.12
CA VAL B 208 12.33 22.19 17.22
C VAL B 208 13.03 23.22 18.13
N GLU B 209 13.47 22.79 19.32
CA GLU B 209 14.04 23.70 20.32
C GLU B 209 15.38 24.29 19.85
N ASP B 210 16.12 23.56 19.02
CA ASP B 210 17.38 24.04 18.43
C ASP B 210 17.13 25.21 17.45
N ALA B 211 15.93 25.30 16.88
CA ALA B 211 15.60 26.30 15.85
C ALA B 211 15.06 27.59 16.49
N ALA B 212 14.74 27.53 17.78
CA ALA B 212 14.18 28.67 18.52
C ALA B 212 15.22 29.79 18.61
N GLY B 213 14.83 30.99 18.17
CA GLY B 213 15.67 32.18 18.22
C GLY B 213 16.62 32.31 17.05
N VAL B 214 16.53 31.40 16.07
CA VAL B 214 17.40 31.40 14.91
C VAL B 214 16.67 32.04 13.71
N ASN B 215 15.36 31.78 13.59
CA ASN B 215 14.51 32.36 12.56
C ASN B 215 15.02 31.96 11.17
N ALA B 216 15.07 30.63 10.97
CA ALA B 216 15.54 30.00 9.75
C ALA B 216 14.43 29.08 9.23
N CYS B 217 14.45 28.83 7.91
CA CYS B 217 13.72 27.72 7.32
C CYS B 217 14.67 26.51 7.20
N ARG B 218 14.32 25.40 7.88
CA ARG B 218 15.12 24.18 7.86
C ARG B 218 14.24 22.97 7.54
N PHE B 219 14.86 22.00 6.84
CA PHE B 219 14.32 20.67 6.57
C PHE B 219 15.21 19.66 7.31
N VAL B 220 14.67 19.04 8.37
CA VAL B 220 15.50 18.23 9.29
C VAL B 220 14.75 16.97 9.69
N ASP B 221 15.51 15.96 10.13
CA ASP B 221 14.93 14.73 10.64
C ASP B 221 14.92 14.78 12.17
N TYR B 222 14.50 13.68 12.78
CA TYR B 222 14.36 13.54 14.22
C TYR B 222 15.73 13.57 14.93
N ARG B 223 16.83 13.55 14.17
CA ARG B 223 18.19 13.65 14.71
C ARG B 223 18.74 15.07 14.54
N ASN B 224 17.93 15.96 13.96
CA ASN B 224 18.27 17.34 13.64
C ASN B 224 19.33 17.40 12.54
N GLN B 225 19.34 16.40 11.64
CA GLN B 225 20.18 16.38 10.46
C GLN B 225 19.48 17.04 9.29
N PRO B 226 20.14 17.96 8.55
CA PRO B 226 19.56 18.55 7.35
C PRO B 226 19.31 17.51 6.26
N LEU B 227 18.08 17.50 5.74
CA LEU B 227 17.77 16.81 4.50
C LEU B 227 17.91 17.81 3.36
N PRO B 228 18.47 17.40 2.19
CA PRO B 228 18.46 18.27 1.02
C PRO B 228 17.03 18.37 0.47
N TRP B 229 16.74 19.47 -0.21
CA TRP B 229 15.39 19.73 -0.75
C TRP B 229 15.04 18.70 -1.84
N MET C 1 -10.74 -29.13 -30.68
CA MET C 1 -9.59 -29.57 -29.84
C MET C 1 -9.19 -28.43 -28.89
N HIS C 2 -9.46 -28.62 -27.60
CA HIS C 2 -9.16 -27.68 -26.56
C HIS C 2 -7.71 -27.88 -26.08
N ASN C 3 -7.04 -26.78 -25.71
CA ASN C 3 -5.70 -26.82 -25.13
C ASN C 3 -5.79 -26.82 -23.60
N VAL C 4 -5.20 -27.86 -22.99
CA VAL C 4 -5.21 -28.06 -21.55
C VAL C 4 -3.77 -28.01 -21.03
N LEU C 5 -3.52 -27.14 -20.05
CA LEU C 5 -2.19 -27.02 -19.43
C LEU C 5 -2.27 -27.55 -17.99
N ILE C 6 -1.45 -28.57 -17.69
CA ILE C 6 -1.38 -29.14 -16.35
C ILE C 6 0.02 -28.89 -15.79
N VAL C 7 0.09 -28.06 -14.74
CA VAL C 7 1.33 -27.78 -14.05
C VAL C 7 1.43 -28.73 -12.84
N GLY C 8 2.37 -29.66 -12.91
CA GLY C 8 2.53 -30.76 -11.94
C GLY C 8 1.87 -32.04 -12.44
N ALA C 9 2.45 -32.62 -13.50
CA ALA C 9 1.80 -33.68 -14.25
C ALA C 9 2.69 -34.92 -14.37
N SER C 10 3.70 -35.02 -13.52
CA SER C 10 4.69 -36.10 -13.59
C SER C 10 4.16 -37.39 -12.94
N ARG C 11 3.37 -37.24 -11.88
CA ARG C 11 2.92 -38.34 -11.04
C ARG C 11 1.54 -38.02 -10.43
N GLY C 12 0.94 -39.02 -9.79
CA GLY C 12 -0.29 -38.86 -9.02
C GLY C 12 -1.47 -38.37 -9.85
N ILE C 13 -2.25 -37.48 -9.24
CA ILE C 13 -3.46 -36.95 -9.82
C ILE C 13 -3.12 -36.12 -11.07
N GLY C 14 -2.00 -35.41 -11.04
CA GLY C 14 -1.50 -34.65 -12.16
C GLY C 14 -1.37 -35.52 -13.40
N LEU C 15 -0.68 -36.66 -13.26
CA LEU C 15 -0.51 -37.60 -14.35
C LEU C 15 -1.87 -38.15 -14.78
N GLY C 16 -2.74 -38.39 -13.79
CA GLY C 16 -4.08 -38.89 -14.03
C GLY C 16 -4.92 -37.90 -14.82
N LEU C 17 -4.80 -36.62 -14.45
CA LEU C 17 -5.51 -35.54 -15.13
C LEU C 17 -5.08 -35.45 -16.60
N ALA C 18 -3.77 -35.59 -16.85
CA ALA C 18 -3.21 -35.55 -18.21
C ALA C 18 -3.83 -36.67 -19.06
N ASP C 19 -3.86 -37.88 -18.51
CA ASP C 19 -4.44 -39.04 -19.17
C ASP C 19 -5.94 -38.79 -19.42
N ALA C 20 -6.66 -38.30 -18.39
CA ALA C 20 -8.11 -38.16 -18.45
C ALA C 20 -8.51 -37.17 -19.57
N PHE C 21 -7.77 -36.06 -19.68
CA PHE C 21 -8.02 -35.06 -20.73
C PHE C 21 -7.65 -35.60 -22.11
N LEU C 22 -6.52 -36.32 -22.21
CA LEU C 22 -6.10 -36.96 -23.46
C LEU C 22 -7.21 -37.87 -23.99
N GLN C 23 -7.85 -38.63 -23.08
CA GLN C 23 -8.90 -39.58 -23.45
C GLN C 23 -10.15 -38.81 -23.91
N ARG C 24 -10.34 -37.58 -23.43
CA ARG C 24 -11.48 -36.75 -23.85
C ARG C 24 -11.14 -35.99 -25.15
N GLY C 25 -9.92 -36.15 -25.69
CA GLY C 25 -9.56 -35.70 -27.05
C GLY C 25 -8.81 -34.37 -27.09
N ALA C 26 -8.37 -33.88 -25.92
CA ALA C 26 -7.68 -32.62 -25.79
C ALA C 26 -6.22 -32.72 -26.28
N GLN C 27 -5.67 -31.57 -26.65
CA GLN C 27 -4.23 -31.33 -26.69
C GLN C 27 -3.78 -30.97 -25.26
N VAL C 28 -2.79 -31.69 -24.74
CA VAL C 28 -2.39 -31.56 -23.33
C VAL C 28 -0.92 -31.15 -23.27
N PHE C 29 -0.67 -30.09 -22.49
CA PHE C 29 0.65 -29.57 -22.21
C PHE C 29 0.94 -29.85 -20.73
N ALA C 30 1.81 -30.83 -20.50
CA ALA C 30 2.19 -31.28 -19.14
C ALA C 30 3.49 -30.60 -18.72
N VAL C 31 3.49 -29.96 -17.56
CA VAL C 31 4.67 -29.33 -17.00
C VAL C 31 5.08 -30.10 -15.73
N ALA C 32 6.38 -30.31 -15.54
CA ALA C 32 6.94 -31.00 -14.38
C ALA C 32 8.40 -30.60 -14.20
N ARG C 33 8.91 -30.72 -12.97
CA ARG C 33 10.29 -30.39 -12.64
C ARG C 33 11.24 -31.34 -13.37
N ARG C 34 10.92 -32.64 -13.42
CA ARG C 34 11.79 -33.64 -14.04
C ARG C 34 10.95 -34.57 -14.93
N PRO C 35 10.47 -34.09 -16.10
CA PRO C 35 9.61 -34.89 -16.99
C PRO C 35 10.23 -36.19 -17.48
N GLN C 36 11.54 -36.17 -17.76
CA GLN C 36 12.27 -37.33 -18.32
C GLN C 36 12.37 -38.46 -17.29
N GLY C 37 12.48 -38.09 -16.02
CA GLY C 37 12.61 -39.04 -14.91
C GLY C 37 11.27 -39.42 -14.28
N SER C 38 10.18 -39.30 -15.05
CA SER C 38 8.89 -39.88 -14.70
C SER C 38 8.50 -40.91 -15.76
N PRO C 39 8.57 -42.23 -15.44
CA PRO C 39 8.28 -43.26 -16.43
C PRO C 39 6.82 -43.24 -16.90
N GLY C 40 5.91 -42.84 -16.01
CA GLY C 40 4.50 -42.71 -16.33
C GLY C 40 4.26 -41.72 -17.45
N LEU C 41 4.75 -40.48 -17.23
CA LEU C 41 4.58 -39.35 -18.17
C LEU C 41 5.21 -39.65 -19.52
N GLN C 42 6.44 -40.20 -19.52
CA GLN C 42 7.18 -40.54 -20.75
C GLN C 42 6.38 -41.55 -21.59
N ALA C 43 5.80 -42.55 -20.92
CA ALA C 43 5.05 -43.60 -21.57
C ALA C 43 3.71 -43.05 -22.08
N LEU C 44 3.10 -42.14 -21.30
CA LEU C 44 1.88 -41.44 -21.70
C LEU C 44 2.17 -40.59 -22.95
N ALA C 45 3.33 -39.92 -22.95
CA ALA C 45 3.77 -39.04 -24.02
C ALA C 45 3.93 -39.84 -25.33
N GLU C 46 4.52 -41.04 -25.22
CA GLU C 46 4.88 -41.85 -26.38
C GLU C 46 3.62 -42.47 -27.01
N ARG C 47 2.60 -42.76 -26.20
CA ARG C 47 1.32 -43.24 -26.70
C ARG C 47 0.56 -42.16 -27.48
N ALA C 48 0.41 -40.96 -26.93
CA ALA C 48 -0.42 -39.91 -27.55
C ALA C 48 0.32 -39.14 -28.66
N GLY C 49 1.62 -39.41 -28.82
CA GLY C 49 2.53 -38.67 -29.70
C GLY C 49 2.55 -37.19 -29.38
N GLU C 50 2.24 -36.38 -30.40
CA GLU C 50 2.35 -34.90 -30.30
C GLU C 50 1.22 -34.32 -29.45
N ARG C 51 0.17 -35.12 -29.20
CA ARG C 51 -1.04 -34.64 -28.53
C ARG C 51 -0.78 -34.46 -27.02
N LEU C 52 0.33 -35.01 -26.50
CA LEU C 52 0.83 -34.68 -25.17
C LEU C 52 2.26 -34.17 -25.31
N GLN C 53 2.48 -32.94 -24.83
CA GLN C 53 3.80 -32.34 -24.76
C GLN C 53 4.21 -32.20 -23.29
N ALA C 54 5.36 -32.80 -22.94
CA ALA C 54 6.02 -32.64 -21.67
C ALA C 54 6.95 -31.43 -21.71
N VAL C 55 6.92 -30.62 -20.66
CA VAL C 55 7.74 -29.42 -20.55
C VAL C 55 8.40 -29.42 -19.17
N THR C 56 9.71 -29.16 -19.14
CA THR C 56 10.40 -28.89 -17.88
C THR C 56 9.96 -27.51 -17.36
N GLY C 57 9.73 -27.41 -16.06
CA GLY C 57 9.17 -26.22 -15.45
C GLY C 57 8.89 -26.44 -13.98
N ASP C 58 9.45 -25.56 -13.14
CA ASP C 58 9.21 -25.53 -11.71
C ASP C 58 8.37 -24.27 -11.40
N LEU C 59 7.16 -24.51 -10.91
CA LEU C 59 6.21 -23.50 -10.46
C LEU C 59 6.89 -22.45 -9.56
N ASN C 60 7.85 -22.89 -8.73
CA ASN C 60 8.52 -22.05 -7.73
C ASN C 60 9.59 -21.14 -8.36
N GLN C 61 9.96 -21.38 -9.62
CA GLN C 61 10.91 -20.49 -10.30
C GLN C 61 10.12 -19.32 -10.89
N HIS C 62 10.76 -18.14 -10.99
CA HIS C 62 10.11 -16.93 -11.45
C HIS C 62 10.03 -16.88 -12.99
N ASP C 63 10.82 -17.71 -13.68
CA ASP C 63 10.81 -17.76 -15.14
C ASP C 63 9.80 -18.81 -15.66
N CYS C 64 8.94 -19.33 -14.80
CA CYS C 64 8.13 -20.51 -15.13
C CYS C 64 7.08 -20.19 -16.21
N ALA C 65 6.41 -19.04 -16.07
CA ALA C 65 5.37 -18.60 -17.01
C ALA C 65 5.99 -18.31 -18.38
N GLU C 66 7.21 -17.79 -18.39
CA GLU C 66 7.92 -17.45 -19.62
C GLU C 66 8.24 -18.72 -20.39
N ARG C 67 8.74 -19.74 -19.68
CA ARG C 67 9.10 -21.02 -20.29
C ARG C 67 7.84 -21.68 -20.87
N ILE C 68 6.73 -21.62 -20.14
CA ILE C 68 5.45 -22.15 -20.62
C ILE C 68 4.98 -21.31 -21.81
N GLY C 69 5.16 -19.99 -21.72
CA GLY C 69 4.71 -19.02 -22.72
C GLY C 69 5.33 -19.25 -24.09
N GLU C 70 6.67 -19.24 -24.14
CA GLU C 70 7.39 -19.41 -25.41
C GLU C 70 7.01 -20.78 -26.00
N MET C 71 6.87 -21.78 -25.13
CA MET C 71 6.56 -23.15 -25.51
C MET C 71 5.16 -23.24 -26.14
N LEU C 72 4.15 -22.62 -25.53
CA LEU C 72 2.77 -22.59 -26.07
C LEU C 72 2.75 -21.84 -27.41
N GLY C 73 3.59 -20.80 -27.51
CA GLY C 73 3.59 -19.89 -28.64
C GLY C 73 2.41 -18.95 -28.56
N GLU C 74 1.54 -19.01 -29.57
CA GLU C 74 0.37 -18.17 -29.70
C GLU C 74 -0.89 -18.87 -29.17
N ARG C 75 -0.79 -20.16 -28.88
CA ARG C 75 -1.96 -20.95 -28.48
C ARG C 75 -2.58 -20.39 -27.20
N ARG C 76 -3.93 -20.37 -27.17
CA ARG C 76 -4.68 -19.97 -25.99
C ARG C 76 -4.87 -21.21 -25.10
N ILE C 77 -5.11 -20.97 -23.80
CA ILE C 77 -5.35 -22.02 -22.83
C ILE C 77 -6.85 -22.09 -22.52
N ASP C 78 -7.45 -23.26 -22.72
CA ASP C 78 -8.86 -23.48 -22.44
C ASP C 78 -9.04 -23.93 -20.98
N ARG C 79 -8.15 -24.82 -20.53
CA ARG C 79 -8.13 -25.32 -19.15
C ARG C 79 -6.70 -25.24 -18.62
N LEU C 80 -6.56 -24.50 -17.52
CA LEU C 80 -5.31 -24.32 -16.81
C LEU C 80 -5.48 -24.97 -15.44
N ILE C 81 -4.66 -25.98 -15.16
CA ILE C 81 -4.75 -26.73 -13.91
C ILE C 81 -3.40 -26.66 -13.20
N VAL C 82 -3.40 -26.05 -12.03
CA VAL C 82 -2.21 -25.89 -11.22
C VAL C 82 -2.24 -26.95 -10.10
N ASN C 83 -1.41 -27.99 -10.23
CA ASN C 83 -1.38 -29.10 -9.33
C ASN C 83 -0.05 -29.06 -8.58
N ALA C 84 0.02 -28.25 -7.54
CA ALA C 84 1.15 -28.13 -6.70
C ALA C 84 0.65 -28.50 -5.30
N GLY C 85 1.58 -28.81 -4.41
CA GLY C 85 1.17 -29.08 -3.07
C GLY C 85 2.22 -29.90 -2.36
N ILE C 86 2.76 -29.33 -1.28
CA ILE C 86 3.59 -30.06 -0.35
C ILE C 86 2.90 -30.04 1.02
N TYR C 87 3.28 -31.01 1.85
CA TYR C 87 2.72 -31.20 3.18
C TYR C 87 3.18 -30.09 4.14
N GLY C 88 4.43 -29.65 3.98
CA GLY C 88 5.12 -28.84 4.99
C GLY C 88 5.88 -29.74 5.95
N PRO C 89 6.37 -29.22 7.11
CA PRO C 89 7.16 -30.03 8.02
C PRO C 89 6.36 -31.24 8.54
N GLN C 90 7.03 -32.38 8.67
CA GLN C 90 6.42 -33.63 9.11
C GLN C 90 5.65 -33.45 10.43
N GLN C 91 6.24 -32.70 11.36
CA GLN C 91 5.70 -32.52 12.72
C GLN C 91 4.43 -31.64 12.70
N GLN C 92 4.29 -30.77 11.70
CA GLN C 92 3.12 -29.88 11.56
C GLN C 92 2.94 -29.07 12.85
N ASP C 93 4.07 -28.57 13.38
CA ASP C 93 4.11 -27.97 14.71
C ASP C 93 4.55 -26.50 14.57
N VAL C 94 3.66 -25.59 14.95
CA VAL C 94 3.91 -24.13 14.94
C VAL C 94 5.10 -23.76 15.84
N ALA C 95 5.35 -24.58 16.88
CA ALA C 95 6.43 -24.36 17.84
C ALA C 95 7.79 -24.69 17.21
N GLU C 96 7.83 -25.43 16.11
CA GLU C 96 9.09 -25.99 15.59
C GLU C 96 9.44 -25.41 14.21
N ILE C 97 8.47 -24.85 13.48
CA ILE C 97 8.68 -24.42 12.08
C ILE C 97 9.53 -23.15 12.06
N ASP C 98 10.56 -23.15 11.19
CA ASP C 98 11.45 -21.98 11.00
C ASP C 98 11.01 -21.16 9.77
N ALA C 99 11.73 -20.07 9.51
CA ALA C 99 11.42 -19.13 8.43
C ALA C 99 11.50 -19.84 7.06
N GLU C 100 12.59 -20.55 6.80
CA GLU C 100 12.82 -21.27 5.55
C GLU C 100 11.62 -22.16 5.22
N GLN C 101 11.22 -22.99 6.20
CA GLN C 101 10.10 -23.92 6.07
C GLN C 101 8.80 -23.17 5.82
N THR C 102 8.59 -22.06 6.54
CA THR C 102 7.37 -21.27 6.40
C THR C 102 7.31 -20.69 4.98
N ALA C 103 8.40 -20.08 4.54
CA ALA C 103 8.50 -19.51 3.19
C ALA C 103 8.16 -20.59 2.15
N GLN C 104 8.78 -21.76 2.27
CA GLN C 104 8.66 -22.83 1.30
C GLN C 104 7.20 -23.30 1.19
N LEU C 105 6.56 -23.47 2.35
CA LEU C 105 5.21 -24.03 2.41
C LEU C 105 4.20 -23.09 1.76
N PHE C 106 4.26 -21.79 2.08
CA PHE C 106 3.27 -20.85 1.59
C PHE C 106 3.61 -20.39 0.15
N LEU C 107 4.89 -20.29 -0.19
CA LEU C 107 5.28 -20.02 -1.58
C LEU C 107 4.75 -21.15 -2.48
N THR C 108 4.99 -22.40 -2.12
CA THR C 108 4.67 -23.54 -2.95
C THR C 108 3.16 -23.75 -3.07
N ASN C 109 2.43 -23.65 -1.95
CA ASN C 109 1.04 -24.10 -1.90
C ASN C 109 0.06 -22.98 -2.26
N ALA C 110 0.45 -21.71 -2.14
CA ALA C 110 -0.48 -20.61 -2.21
C ALA C 110 0.02 -19.54 -3.19
N ILE C 111 1.22 -19.00 -2.94
CA ILE C 111 1.66 -17.80 -3.61
C ILE C 111 2.08 -18.11 -5.05
N ALA C 112 2.92 -19.13 -5.24
CA ALA C 112 3.46 -19.46 -6.55
C ALA C 112 2.35 -19.90 -7.50
N PRO C 113 1.37 -20.73 -7.07
CA PRO C 113 0.22 -21.04 -7.93
C PRO C 113 -0.50 -19.79 -8.46
N LEU C 114 -0.75 -18.79 -7.61
CA LEU C 114 -1.40 -17.53 -8.06
C LEU C 114 -0.46 -16.75 -8.98
N ARG C 115 0.84 -16.76 -8.68
CA ARG C 115 1.80 -16.05 -9.49
C ARG C 115 1.76 -16.59 -10.94
N LEU C 116 1.73 -17.91 -11.08
CA LEU C 116 1.73 -18.53 -12.41
C LEU C 116 0.42 -18.23 -13.14
N ALA C 117 -0.72 -18.55 -12.50
CA ALA C 117 -2.05 -18.39 -13.09
C ALA C 117 -2.29 -16.94 -13.54
N ARG C 118 -1.88 -15.96 -12.72
CA ARG C 118 -2.03 -14.55 -13.08
C ARG C 118 -1.19 -14.20 -14.32
N ALA C 119 0.03 -14.73 -14.39
CA ALA C 119 0.95 -14.44 -15.48
C ALA C 119 0.41 -14.99 -16.82
N LEU C 120 -0.33 -16.10 -16.77
CA LEU C 120 -0.88 -16.79 -17.94
C LEU C 120 -2.34 -16.38 -18.20
N SER C 121 -2.95 -15.62 -17.27
CA SER C 121 -4.40 -15.32 -17.30
C SER C 121 -4.82 -14.69 -18.63
N GLY C 122 -4.01 -13.75 -19.14
CA GLY C 122 -4.23 -13.07 -20.43
C GLY C 122 -4.40 -14.03 -21.61
N ARG C 123 -3.90 -15.25 -21.47
CA ARG C 123 -3.82 -16.22 -22.56
C ARG C 123 -4.88 -17.33 -22.38
N VAL C 124 -5.60 -17.34 -21.25
CA VAL C 124 -6.71 -18.26 -21.02
C VAL C 124 -7.93 -17.79 -21.81
N SER C 125 -8.61 -18.74 -22.48
CA SER C 125 -9.83 -18.46 -23.23
C SER C 125 -10.88 -17.90 -22.27
N ARG C 126 -11.63 -16.90 -22.73
CA ARG C 126 -12.78 -16.38 -22.01
C ARG C 126 -13.82 -17.51 -21.97
N GLY C 127 -14.39 -17.75 -20.78
CA GLY C 127 -15.29 -18.85 -20.58
C GLY C 127 -14.58 -20.19 -20.38
N GLY C 128 -13.24 -20.17 -20.31
CA GLY C 128 -12.47 -21.33 -19.91
C GLY C 128 -12.46 -21.51 -18.40
N VAL C 129 -11.52 -22.32 -17.92
CA VAL C 129 -11.45 -22.71 -16.51
C VAL C 129 -9.99 -22.67 -16.04
N VAL C 130 -9.76 -21.95 -14.95
CA VAL C 130 -8.50 -22.03 -14.19
C VAL C 130 -8.80 -22.76 -12.88
N ALA C 131 -8.15 -23.92 -12.67
CA ALA C 131 -8.41 -24.77 -11.49
C ALA C 131 -7.11 -24.94 -10.70
N PHE C 132 -7.23 -24.93 -9.37
CA PHE C 132 -6.12 -25.14 -8.45
C PHE C 132 -6.42 -26.37 -7.60
N MET C 133 -5.42 -27.25 -7.45
CA MET C 133 -5.52 -28.36 -6.53
C MET C 133 -5.45 -27.80 -5.11
N SER C 134 -6.56 -27.96 -4.38
CA SER C 134 -6.68 -27.54 -3.03
C SER C 134 -6.83 -28.80 -2.17
N SER C 135 -7.62 -28.73 -1.10
CA SER C 135 -7.83 -29.85 -0.22
C SER C 135 -9.08 -29.59 0.61
N GLN C 136 -9.76 -30.66 1.02
CA GLN C 136 -10.82 -30.54 1.99
C GLN C 136 -10.27 -29.98 3.32
N MET C 137 -8.95 -30.12 3.55
CA MET C 137 -8.27 -29.59 4.74
C MET C 137 -8.28 -28.06 4.77
N ALA C 138 -8.53 -27.44 3.61
CA ALA C 138 -8.64 -25.98 3.49
C ALA C 138 -9.97 -25.50 4.07
N SER C 139 -10.97 -26.38 4.18
CA SER C 139 -12.31 -26.02 4.64
C SER C 139 -12.32 -25.72 6.15
N LEU C 140 -12.58 -24.46 6.49
CA LEU C 140 -12.82 -24.03 7.87
C LEU C 140 -14.11 -24.68 8.38
N ALA C 141 -15.19 -24.63 7.59
CA ALA C 141 -16.48 -25.18 8.02
C ALA C 141 -16.33 -26.66 8.41
N LEU C 142 -15.64 -27.46 7.59
CA LEU C 142 -15.49 -28.89 7.85
C LEU C 142 -14.54 -29.13 9.02
N GLY C 143 -13.49 -28.31 9.14
CA GLY C 143 -12.49 -28.36 10.23
C GLY C 143 -11.92 -29.75 10.44
N LEU C 144 -11.28 -30.28 9.40
CA LEU C 144 -10.77 -31.64 9.38
C LEU C 144 -9.24 -31.66 9.48
N SER C 145 -8.61 -30.50 9.70
CA SER C 145 -7.17 -30.40 9.52
C SER C 145 -6.42 -30.42 10.86
N ALA C 146 -7.04 -30.92 11.93
CA ALA C 146 -6.42 -30.93 13.28
C ALA C 146 -5.04 -31.62 13.28
N THR C 147 -4.93 -32.74 12.57
CA THR C 147 -3.71 -33.55 12.56
C THR C 147 -2.67 -33.00 11.59
N MET C 148 -3.06 -32.11 10.67
CA MET C 148 -2.10 -31.49 9.74
C MET C 148 -2.44 -30.00 9.56
N PRO C 149 -2.28 -29.19 10.62
CA PRO C 149 -2.76 -27.81 10.62
C PRO C 149 -2.04 -26.89 9.63
N LEU C 150 -0.73 -27.10 9.43
CA LEU C 150 0.07 -26.21 8.58
C LEU C 150 -0.29 -26.47 7.11
N TYR C 151 -0.46 -27.73 6.74
CA TYR C 151 -0.92 -28.09 5.44
C TYR C 151 -2.28 -27.41 5.16
N GLY C 152 -3.23 -27.61 6.07
CA GLY C 152 -4.58 -27.04 5.93
C GLY C 152 -4.60 -25.52 5.83
N ALA C 153 -3.76 -24.86 6.61
CA ALA C 153 -3.64 -23.40 6.62
C ALA C 153 -3.04 -22.92 5.29
N SER C 154 -2.04 -23.64 4.77
CA SER C 154 -1.44 -23.32 3.49
C SER C 154 -2.51 -23.36 2.38
N LYS C 155 -3.46 -24.30 2.48
CA LYS C 155 -4.47 -24.47 1.46
C LYS C 155 -5.63 -23.48 1.67
N ALA C 156 -5.91 -23.12 2.92
CA ALA C 156 -6.89 -22.08 3.19
C ALA C 156 -6.38 -20.76 2.59
N ALA C 157 -5.06 -20.55 2.67
CA ALA C 157 -4.42 -19.36 2.11
C ALA C 157 -4.58 -19.34 0.57
N LEU C 158 -4.36 -20.48 -0.07
CA LEU C 158 -4.59 -20.68 -1.50
C LEU C 158 -6.03 -20.28 -1.84
N ASN C 159 -7.01 -20.89 -1.14
CA ASN C 159 -8.42 -20.59 -1.37
C ASN C 159 -8.66 -19.07 -1.24
N SER C 160 -8.08 -18.45 -0.19
CA SER C 160 -8.24 -17.03 0.08
C SER C 160 -7.78 -16.20 -1.12
N LEU C 161 -6.59 -16.51 -1.64
CA LEU C 161 -5.97 -15.75 -2.72
C LEU C 161 -6.81 -15.87 -3.99
N VAL C 162 -7.41 -17.04 -4.20
CA VAL C 162 -8.21 -17.27 -5.39
C VAL C 162 -9.52 -16.45 -5.28
N ARG C 163 -10.15 -16.47 -4.10
CA ARG C 163 -11.35 -15.68 -3.85
C ARG C 163 -11.03 -14.18 -3.98
N SER C 164 -9.85 -13.77 -3.54
CA SER C 164 -9.41 -12.37 -3.64
C SER C 164 -9.28 -11.98 -5.13
N TRP C 165 -8.74 -12.88 -5.95
CA TRP C 165 -8.60 -12.65 -7.38
C TRP C 165 -9.98 -12.46 -8.02
N GLU C 166 -10.93 -13.35 -7.72
CA GLU C 166 -12.31 -13.22 -8.18
C GLU C 166 -12.81 -11.81 -7.86
N GLY C 167 -12.44 -11.31 -6.69
CA GLY C 167 -12.87 -10.00 -6.19
C GLY C 167 -12.39 -8.83 -7.03
N GLU C 168 -11.44 -9.04 -7.95
CA GLU C 168 -10.83 -7.96 -8.76
C GLU C 168 -11.72 -7.60 -9.96
N PHE C 169 -12.53 -8.57 -10.42
CA PHE C 169 -13.34 -8.42 -11.60
C PHE C 169 -14.76 -8.02 -11.21
N GLU C 170 -15.42 -7.27 -12.09
CA GLU C 170 -16.86 -7.03 -12.03
C GLU C 170 -17.58 -8.37 -12.23
N GLU C 171 -17.23 -9.09 -13.30
CA GLU C 171 -17.66 -10.43 -13.58
C GLU C 171 -16.43 -11.25 -13.98
N LEU C 172 -16.38 -12.52 -13.55
CA LEU C 172 -15.27 -13.37 -13.87
C LEU C 172 -15.16 -13.56 -15.38
N PRO C 173 -13.95 -13.48 -15.97
CA PRO C 173 -13.73 -13.83 -17.37
C PRO C 173 -13.59 -15.34 -17.62
N PHE C 174 -13.29 -16.10 -16.57
CA PHE C 174 -13.24 -17.56 -16.62
C PHE C 174 -13.62 -18.12 -15.27
N SER C 175 -13.81 -19.44 -15.18
CA SER C 175 -14.10 -20.08 -13.91
C SER C 175 -12.83 -20.21 -13.08
N LEU C 176 -12.98 -20.14 -11.75
CA LEU C 176 -11.90 -20.35 -10.78
C LEU C 176 -12.31 -21.52 -9.88
N LEU C 177 -11.69 -22.69 -10.10
CA LEU C 177 -12.02 -23.88 -9.33
C LEU C 177 -10.92 -24.15 -8.29
N LEU C 178 -11.36 -24.60 -7.12
CA LEU C 178 -10.52 -25.17 -6.11
C LEU C 178 -10.95 -26.61 -5.91
N LEU C 179 -10.03 -27.54 -6.15
CA LEU C 179 -10.37 -28.95 -6.29
C LEU C 179 -9.87 -29.74 -5.07
N HIS C 180 -10.76 -30.53 -4.50
CA HIS C 180 -10.38 -31.58 -3.60
C HIS C 180 -10.39 -32.90 -4.35
N PRO C 181 -9.23 -33.56 -4.53
CA PRO C 181 -9.17 -34.78 -5.35
C PRO C 181 -9.68 -36.06 -4.66
N GLY C 182 -9.92 -35.98 -3.35
CA GLY C 182 -10.33 -37.11 -2.52
C GLY C 182 -9.34 -38.22 -2.30
N TRP C 183 -8.11 -37.95 -1.85
CA TRP C 183 -7.13 -39.03 -1.51
C TRP C 183 -7.16 -40.14 -2.59
N LEU C 195 -10.13 -45.30 -3.57
CA LEU C 195 -10.22 -44.34 -4.70
C LEU C 195 -8.90 -44.33 -5.47
N SER C 196 -8.96 -44.72 -6.75
CA SER C 196 -7.83 -44.74 -7.67
C SER C 196 -7.62 -43.37 -8.32
N VAL C 197 -6.42 -43.17 -8.85
CA VAL C 197 -6.00 -41.97 -9.57
C VAL C 197 -6.93 -41.76 -10.78
N GLU C 198 -7.31 -42.86 -11.45
CA GLU C 198 -8.12 -42.82 -12.66
C GLU C 198 -9.53 -42.35 -12.30
N GLU C 199 -10.10 -42.87 -11.20
CA GLU C 199 -11.47 -42.52 -10.78
C GLU C 199 -11.50 -41.04 -10.37
N SER C 200 -10.50 -40.63 -9.60
CA SER C 200 -10.40 -39.25 -9.11
C SER C 200 -10.26 -38.27 -10.30
N ALA C 201 -9.33 -38.59 -11.21
CA ALA C 201 -8.99 -37.74 -12.33
C ALA C 201 -10.18 -37.58 -13.27
N ALA C 202 -10.87 -38.68 -13.58
CA ALA C 202 -12.06 -38.68 -14.44
C ALA C 202 -13.13 -37.76 -13.84
N GLY C 203 -13.31 -37.84 -12.52
CA GLY C 203 -14.30 -37.04 -11.81
C GLY C 203 -13.97 -35.54 -11.86
N LEU C 204 -12.70 -35.20 -11.63
CA LEU C 204 -12.25 -33.84 -11.58
C LEU C 204 -12.37 -33.20 -12.97
N VAL C 205 -12.09 -33.99 -14.01
CA VAL C 205 -12.24 -33.55 -15.39
C VAL C 205 -13.71 -33.20 -15.64
N ALA C 206 -14.62 -34.05 -15.18
CA ALA C 206 -16.06 -33.80 -15.26
C ALA C 206 -16.41 -32.48 -14.55
N ALA C 207 -15.84 -32.28 -13.34
CA ALA C 207 -16.05 -31.06 -12.55
C ALA C 207 -15.51 -29.82 -13.27
N VAL C 208 -14.32 -29.96 -13.86
CA VAL C 208 -13.71 -28.88 -14.61
C VAL C 208 -14.63 -28.54 -15.80
N GLU C 209 -15.05 -29.55 -16.58
CA GLU C 209 -15.82 -29.32 -17.81
C GLU C 209 -17.22 -28.77 -17.50
N ASP C 210 -17.76 -29.09 -16.32
CA ASP C 210 -19.06 -28.55 -15.87
C ASP C 210 -18.98 -27.04 -15.62
N ALA C 211 -17.79 -26.52 -15.32
CA ALA C 211 -17.60 -25.12 -14.97
C ALA C 211 -17.37 -24.25 -16.22
N ALA C 212 -17.09 -24.90 -17.35
CA ALA C 212 -16.80 -24.22 -18.61
C ALA C 212 -18.05 -23.47 -19.10
N GLY C 213 -17.88 -22.16 -19.38
CA GLY C 213 -18.95 -21.30 -19.87
C GLY C 213 -19.80 -20.70 -18.76
N VAL C 214 -19.47 -20.98 -17.50
CA VAL C 214 -20.28 -20.53 -16.36
C VAL C 214 -19.63 -19.30 -15.70
N ASN C 215 -18.30 -19.29 -15.64
CA ASN C 215 -17.52 -18.18 -15.06
C ASN C 215 -17.89 -17.98 -13.58
N ALA C 216 -17.71 -19.06 -12.82
CA ALA C 216 -18.00 -19.12 -11.39
C ALA C 216 -16.72 -19.48 -10.62
N CYS C 217 -16.65 -19.04 -9.36
CA CYS C 217 -15.68 -19.53 -8.40
C CYS C 217 -16.33 -20.64 -7.58
N ARG C 218 -15.79 -21.86 -7.68
CA ARG C 218 -16.35 -23.04 -6.96
C ARG C 218 -15.24 -23.81 -6.25
N PHE C 219 -15.59 -24.36 -5.09
CA PHE C 219 -14.77 -25.28 -4.28
C PHE C 219 -15.47 -26.64 -4.30
N VAL C 220 -14.89 -27.63 -5.00
CA VAL C 220 -15.59 -28.87 -5.31
C VAL C 220 -14.64 -30.05 -5.16
N ASP C 221 -15.23 -31.24 -4.97
CA ASP C 221 -14.48 -32.47 -4.93
C ASP C 221 -14.58 -33.15 -6.31
N TYR C 222 -14.02 -34.36 -6.38
CA TYR C 222 -13.92 -35.16 -7.59
C TYR C 222 -15.30 -35.65 -8.07
N ARG C 223 -16.35 -35.42 -7.28
CA ARG C 223 -17.74 -35.73 -7.68
C ARG C 223 -18.49 -34.47 -8.12
N ASN C 224 -17.79 -33.33 -8.11
CA ASN C 224 -18.36 -32.02 -8.42
C ASN C 224 -19.34 -31.57 -7.33
N GLN C 225 -19.13 -32.03 -6.08
CA GLN C 225 -19.94 -31.65 -4.94
C GLN C 225 -19.30 -30.44 -4.27
N PRO C 226 -20.05 -29.39 -3.93
CA PRO C 226 -19.52 -28.24 -3.20
C PRO C 226 -18.99 -28.64 -1.81
N LEU C 227 -17.75 -28.24 -1.51
CA LEU C 227 -17.27 -28.16 -0.15
C LEU C 227 -17.58 -26.77 0.39
N PRO C 228 -17.98 -26.64 1.67
CA PRO C 228 -18.13 -25.33 2.28
C PRO C 228 -16.73 -24.73 2.50
N TRP C 229 -16.65 -23.41 2.53
CA TRP C 229 -15.38 -22.70 2.69
C TRP C 229 -14.82 -22.97 4.10
N MET D 1 14.12 9.30 -39.78
CA MET D 1 13.11 10.30 -39.36
C MET D 1 12.49 9.90 -38.01
N HIS D 2 12.85 10.67 -36.97
CA HIS D 2 12.50 10.40 -35.59
C HIS D 2 11.13 11.03 -35.29
N ASN D 3 10.33 10.33 -34.47
CA ASN D 3 8.96 10.70 -34.16
C ASN D 3 8.92 11.45 -32.83
N VAL D 4 8.38 12.68 -32.88
CA VAL D 4 8.28 13.57 -31.74
C VAL D 4 6.79 13.83 -31.44
N LEU D 5 6.38 13.57 -30.21
CA LEU D 5 5.01 13.79 -29.77
C LEU D 5 4.99 14.96 -28.79
N ILE D 6 4.21 16.00 -29.13
CA ILE D 6 4.07 17.18 -28.29
C ILE D 6 2.62 17.28 -27.83
N VAL D 7 2.39 17.10 -26.54
CA VAL D 7 1.08 17.22 -25.93
C VAL D 7 0.94 18.64 -25.37
N GLY D 8 0.07 19.43 -26.02
CA GLY D 8 -0.09 20.86 -25.75
C GLY D 8 0.73 21.70 -26.72
N ALA D 9 0.28 21.71 -27.98
CA ALA D 9 1.08 22.23 -29.08
C ALA D 9 0.29 23.28 -29.87
N SER D 10 -0.77 23.84 -29.27
CA SER D 10 -1.69 24.73 -30.02
C SER D 10 -1.14 26.16 -30.09
N ARG D 11 -0.45 26.59 -29.02
CA ARG D 11 -0.04 27.99 -28.83
C ARG D 11 1.27 28.02 -28.00
N GLY D 12 1.89 29.20 -27.92
CA GLY D 12 3.02 29.44 -27.02
C GLY D 12 4.23 28.57 -27.34
N ILE D 13 4.90 28.13 -26.27
CA ILE D 13 6.11 27.33 -26.38
C ILE D 13 5.80 25.98 -27.03
N GLY D 14 4.61 25.42 -26.76
CA GLY D 14 4.17 24.19 -27.37
C GLY D 14 4.23 24.29 -28.89
N LEU D 15 3.62 25.35 -29.43
CA LEU D 15 3.62 25.57 -30.86
C LEU D 15 5.04 25.82 -31.36
N GLY D 16 5.85 26.52 -30.54
CA GLY D 16 7.23 26.83 -30.84
C GLY D 16 8.08 25.56 -30.89
N LEU D 17 7.84 24.65 -29.96
CA LEU D 17 8.52 23.37 -29.90
C LEU D 17 8.22 22.54 -31.16
N ALA D 18 6.95 22.54 -31.60
CA ALA D 18 6.54 21.81 -32.80
C ALA D 18 7.29 22.33 -34.04
N ASP D 19 7.36 23.66 -34.16
CA ASP D 19 8.08 24.31 -35.25
C ASP D 19 9.57 23.98 -35.16
N ALA D 20 10.14 24.08 -33.96
CA ALA D 20 11.58 23.89 -33.75
C ALA D 20 12.01 22.46 -34.13
N PHE D 21 11.21 21.45 -33.77
CA PHE D 21 11.47 20.04 -34.12
C PHE D 21 11.28 19.81 -35.62
N LEU D 22 10.24 20.42 -36.22
CA LEU D 22 10.03 20.34 -37.67
C LEU D 22 11.27 20.84 -38.42
N GLN D 23 11.87 21.93 -37.93
CA GLN D 23 13.05 22.53 -38.55
C GLN D 23 14.27 21.61 -38.39
N ARG D 24 14.28 20.80 -37.32
CA ARG D 24 15.35 19.82 -37.10
C ARG D 24 15.11 18.52 -37.89
N GLY D 25 13.97 18.40 -38.59
CA GLY D 25 13.73 17.32 -39.57
C GLY D 25 12.93 16.15 -39.02
N ALA D 26 12.29 16.35 -37.87
CA ALA D 26 11.48 15.35 -37.22
C ALA D 26 10.12 15.22 -37.93
N GLN D 27 9.51 14.05 -37.76
CA GLN D 27 8.06 13.84 -37.87
C GLN D 27 7.45 14.24 -36.53
N VAL D 28 6.46 15.15 -36.57
CA VAL D 28 5.90 15.75 -35.36
C VAL D 28 4.41 15.43 -35.26
N PHE D 29 4.02 14.90 -34.11
CA PHE D 29 2.64 14.62 -33.76
C PHE D 29 2.22 15.61 -32.67
N ALA D 30 1.41 16.60 -33.05
CA ALA D 30 0.96 17.67 -32.16
C ALA D 30 -0.44 17.33 -31.61
N VAL D 31 -0.58 17.37 -30.29
CA VAL D 31 -1.86 17.13 -29.64
C VAL D 31 -2.30 18.45 -28.98
N ALA D 32 -3.60 18.75 -29.09
CA ALA D 32 -4.19 19.95 -28.52
C ALA D 32 -5.69 19.72 -28.29
N ARG D 33 -6.27 20.46 -27.34
CA ARG D 33 -7.70 20.39 -27.04
C ARG D 33 -8.53 20.87 -28.24
N ARG D 34 -8.09 21.97 -28.89
CA ARG D 34 -8.81 22.55 -30.03
C ARG D 34 -7.85 22.86 -31.16
N PRO D 35 -7.32 21.83 -31.88
CA PRO D 35 -6.33 22.04 -32.94
C PRO D 35 -6.81 22.91 -34.11
N GLN D 36 -8.09 22.78 -34.46
CA GLN D 36 -8.69 23.46 -35.63
C GLN D 36 -8.81 24.96 -35.34
N GLY D 37 -9.04 25.32 -34.08
CA GLY D 37 -9.20 26.71 -33.65
C GLY D 37 -7.90 27.35 -33.20
N SER D 38 -6.76 26.82 -33.65
CA SER D 38 -5.44 27.45 -33.49
C SER D 38 -4.87 27.75 -34.86
N PRO D 39 -4.83 29.04 -35.28
CA PRO D 39 -4.39 29.39 -36.64
C PRO D 39 -2.90 29.05 -36.87
N GLY D 40 -2.10 29.15 -35.81
CA GLY D 40 -0.68 28.84 -35.88
C GLY D 40 -0.46 27.39 -36.25
N LEU D 41 -1.07 26.47 -35.48
CA LEU D 41 -0.91 25.03 -35.64
C LEU D 41 -1.40 24.57 -37.03
N GLN D 42 -2.58 25.06 -37.44
CA GLN D 42 -3.18 24.72 -38.73
C GLN D 42 -2.23 25.09 -39.88
N ALA D 43 -1.62 26.28 -39.78
CA ALA D 43 -0.75 26.80 -40.80
C ALA D 43 0.58 26.06 -40.78
N LEU D 44 1.05 25.69 -39.58
CA LEU D 44 2.24 24.87 -39.41
C LEU D 44 2.01 23.49 -40.05
N ALA D 45 0.81 22.94 -39.84
CA ALA D 45 0.41 21.64 -40.38
C ALA D 45 0.42 21.67 -41.93
N GLU D 46 -0.10 22.75 -42.51
CA GLU D 46 -0.26 22.86 -43.96
C GLU D 46 1.10 23.07 -44.65
N ARG D 47 2.01 23.80 -44.00
CA ARG D 47 3.43 23.77 -44.38
C ARG D 47 3.91 22.47 -43.75
N ALA D 48 4.91 21.83 -44.32
CA ALA D 48 5.44 20.54 -43.75
C ALA D 48 4.58 19.36 -44.24
N GLY D 49 3.29 19.61 -44.56
CA GLY D 49 2.35 18.60 -45.02
C GLY D 49 2.16 17.47 -44.01
N GLU D 50 2.49 16.23 -44.42
CA GLU D 50 2.25 15.03 -43.60
C GLU D 50 3.22 14.97 -42.42
N ARG D 51 4.31 15.75 -42.47
CA ARG D 51 5.38 15.73 -41.49
C ARG D 51 4.94 16.36 -40.16
N LEU D 52 3.81 17.09 -40.15
CA LEU D 52 3.15 17.50 -38.91
C LEU D 52 1.70 17.00 -38.94
N GLN D 53 1.33 16.20 -37.92
CA GLN D 53 -0.03 15.76 -37.71
C GLN D 53 -0.59 16.42 -36.43
N ALA D 54 -1.69 17.17 -36.57
CA ALA D 54 -2.45 17.72 -35.46
C ALA D 54 -3.52 16.71 -35.03
N VAL D 55 -3.66 16.50 -33.72
CA VAL D 55 -4.60 15.54 -33.16
C VAL D 55 -5.36 16.21 -32.02
N THR D 56 -6.69 16.03 -31.99
CA THR D 56 -7.50 16.43 -30.84
C THR D 56 -7.20 15.48 -29.68
N GLY D 57 -7.08 16.04 -28.47
CA GLY D 57 -6.66 15.29 -27.30
C GLY D 57 -6.48 16.20 -26.11
N ASP D 58 -7.12 15.83 -25.00
CA ASP D 58 -7.02 16.52 -23.72
C ASP D 58 -6.30 15.57 -22.76
N LEU D 59 -5.13 16.04 -22.29
CA LEU D 59 -4.32 15.39 -21.28
C LEU D 59 -5.15 14.93 -20.07
N ASN D 60 -6.16 15.73 -19.70
CA ASN D 60 -6.97 15.51 -18.51
C ASN D 60 -8.02 14.41 -18.71
N GLN D 61 -8.27 13.99 -19.95
CA GLN D 61 -9.18 12.87 -20.23
C GLN D 61 -8.41 11.56 -20.04
N HIS D 62 -9.12 10.52 -19.63
CA HIS D 62 -8.52 9.22 -19.32
C HIS D 62 -8.28 8.39 -20.59
N ASP D 63 -8.93 8.76 -21.69
CA ASP D 63 -8.78 8.06 -22.96
C ASP D 63 -7.67 8.70 -23.82
N CYS D 64 -6.85 9.58 -23.24
CA CYS D 64 -5.93 10.43 -24.01
C CYS D 64 -4.82 9.59 -24.66
N ALA D 65 -4.26 8.65 -23.90
CA ALA D 65 -3.17 7.79 -24.36
C ALA D 65 -3.67 6.86 -25.48
N GLU D 66 -4.92 6.41 -25.36
CA GLU D 66 -5.53 5.50 -26.32
C GLU D 66 -5.70 6.22 -27.67
N ARG D 67 -6.20 7.46 -27.61
CA ARG D 67 -6.43 8.27 -28.80
C ARG D 67 -5.09 8.54 -29.51
N ILE D 68 -4.05 8.86 -28.72
CA ILE D 68 -2.71 9.07 -29.26
C ILE D 68 -2.18 7.75 -29.82
N GLY D 69 -2.44 6.64 -29.11
CA GLY D 69 -1.95 5.31 -29.46
C GLY D 69 -2.44 4.83 -30.82
N GLU D 70 -3.77 4.80 -31.01
CA GLU D 70 -4.35 4.34 -32.27
C GLU D 70 -3.84 5.23 -33.41
N MET D 71 -3.73 6.52 -33.13
CA MET D 71 -3.31 7.53 -34.10
C MET D 71 -1.85 7.28 -34.54
N LEU D 72 -0.93 7.05 -33.59
CA LEU D 72 0.48 6.74 -33.88
C LEU D 72 0.58 5.43 -34.67
N GLY D 73 -0.32 4.48 -34.35
CA GLY D 73 -0.29 3.15 -34.91
C GLY D 73 0.81 2.31 -34.28
N GLU D 74 1.74 1.87 -35.11
CA GLU D 74 2.85 1.00 -34.73
C GLU D 74 4.11 1.83 -34.41
N ARG D 75 4.10 3.11 -34.76
CA ARG D 75 5.27 3.97 -34.63
C ARG D 75 5.72 4.07 -33.18
N ARG D 76 7.04 4.04 -32.94
CA ARG D 76 7.61 4.29 -31.61
C ARG D 76 7.80 5.80 -31.44
N ILE D 77 7.88 6.24 -30.18
CA ILE D 77 8.10 7.66 -29.83
C ILE D 77 9.57 7.86 -29.44
N ASP D 78 10.25 8.77 -30.13
CA ASP D 78 11.65 9.09 -29.87
C ASP D 78 11.73 10.22 -28.83
N ARG D 79 10.86 11.22 -28.98
CA ARG D 79 10.75 12.33 -28.03
C ARG D 79 9.27 12.55 -27.67
N LEU D 80 8.98 12.45 -26.37
CA LEU D 80 7.66 12.70 -25.82
C LEU D 80 7.75 13.94 -24.95
N ILE D 81 6.98 14.97 -25.30
CA ILE D 81 7.03 16.26 -24.62
C ILE D 81 5.63 16.61 -24.11
N VAL D 82 5.50 16.68 -22.78
CA VAL D 82 4.23 16.96 -22.16
C VAL D 82 4.23 18.42 -21.70
N ASN D 83 3.45 19.26 -22.39
CA ASN D 83 3.40 20.70 -22.10
C ASN D 83 2.18 21.04 -21.21
N ALA D 84 1.09 21.53 -21.78
CA ALA D 84 -0.09 21.96 -20.98
C ALA D 84 0.13 21.90 -19.46
N GLY D 85 0.40 23.07 -18.84
CA GLY D 85 0.17 23.37 -17.40
C GLY D 85 -0.58 24.70 -17.19
N ILE D 86 -1.21 24.85 -16.02
CA ILE D 86 -2.06 26.00 -15.69
C ILE D 86 -1.52 26.69 -14.44
N TYR D 87 -1.91 27.96 -14.26
CA TYR D 87 -1.48 28.82 -13.18
C TYR D 87 -2.09 28.37 -11.85
N GLY D 88 -3.36 27.95 -11.89
CA GLY D 88 -4.20 27.78 -10.72
C GLY D 88 -4.98 29.05 -10.43
N PRO D 89 -5.62 29.22 -9.25
CA PRO D 89 -6.43 30.41 -9.00
C PRO D 89 -5.57 31.69 -9.06
N GLN D 90 -6.15 32.76 -9.62
CA GLN D 90 -5.48 34.04 -9.82
C GLN D 90 -4.84 34.54 -8.51
N GLN D 91 -5.56 34.42 -7.39
CA GLN D 91 -5.12 35.00 -6.12
C GLN D 91 -3.99 34.17 -5.49
N GLN D 92 -3.85 32.90 -5.88
CA GLN D 92 -2.77 32.02 -5.41
C GLN D 92 -2.79 31.99 -3.87
N ASP D 93 -4.00 31.87 -3.31
CA ASP D 93 -4.25 32.03 -1.89
C ASP D 93 -4.75 30.71 -1.30
N VAL D 94 -3.95 30.12 -0.39
CA VAL D 94 -4.29 28.86 0.29
C VAL D 94 -5.58 29.00 1.12
N ALA D 95 -5.88 30.22 1.57
CA ALA D 95 -7.06 30.51 2.37
C ALA D 95 -8.35 30.45 1.53
N GLU D 96 -8.23 30.54 0.20
CA GLU D 96 -9.40 30.73 -0.67
C GLU D 96 -9.65 29.55 -1.60
N ILE D 97 -8.63 28.70 -1.85
CA ILE D 97 -8.73 27.63 -2.85
C ILE D 97 -9.63 26.52 -2.32
N ASP D 98 -10.57 26.06 -3.15
CA ASP D 98 -11.53 24.98 -2.81
C ASP D 98 -11.03 23.65 -3.39
N ALA D 99 -11.80 22.58 -3.14
CA ALA D 99 -11.46 21.21 -3.56
C ALA D 99 -11.37 21.12 -5.09
N GLU D 100 -12.38 21.64 -5.79
CA GLU D 100 -12.46 21.60 -7.24
C GLU D 100 -11.18 22.19 -7.85
N GLN D 101 -10.83 23.39 -7.39
CA GLN D 101 -9.65 24.12 -7.86
C GLN D 101 -8.37 23.33 -7.56
N THR D 102 -8.29 22.75 -6.35
CA THR D 102 -7.13 21.99 -5.94
C THR D 102 -6.98 20.77 -6.85
N ALA D 103 -8.06 20.02 -7.03
CA ALA D 103 -8.07 18.84 -7.91
C ALA D 103 -7.58 19.23 -9.31
N GLN D 104 -8.12 20.32 -9.87
CA GLN D 104 -7.83 20.72 -11.23
C GLN D 104 -6.34 21.07 -11.38
N LEU D 105 -5.80 21.81 -10.40
CA LEU D 105 -4.42 22.31 -10.46
C LEU D 105 -3.41 21.15 -10.43
N PHE D 106 -3.62 20.19 -9.52
CA PHE D 106 -2.64 19.12 -9.32
C PHE D 106 -2.87 18.00 -10.35
N LEU D 107 -4.13 17.75 -10.75
CA LEU D 107 -4.40 16.83 -11.85
C LEU D 107 -3.71 17.32 -13.12
N THR D 108 -3.89 18.59 -13.48
CA THR D 108 -3.41 19.14 -14.74
C THR D 108 -1.87 19.25 -14.77
N ASN D 109 -1.26 19.71 -13.67
CA ASN D 109 0.15 20.10 -13.69
C ASN D 109 1.08 18.94 -13.31
N ALA D 110 0.57 17.93 -12.61
CA ALA D 110 1.42 16.91 -12.01
C ALA D 110 0.93 15.51 -12.37
N ILE D 111 -0.32 15.19 -12.02
CA ILE D 111 -0.79 13.83 -12.02
C ILE D 111 -1.06 13.36 -13.47
N ALA D 112 -1.80 14.15 -14.24
CA ALA D 112 -2.20 13.79 -15.60
C ALA D 112 -0.98 13.68 -16.50
N PRO D 113 0.02 14.58 -16.43
CA PRO D 113 1.26 14.40 -17.18
C PRO D 113 1.93 13.03 -16.94
N LEU D 114 2.04 12.61 -15.67
CA LEU D 114 2.62 11.30 -15.35
C LEU D 114 1.72 10.15 -15.85
N ARG D 115 0.40 10.34 -15.75
CA ARG D 115 -0.54 9.33 -16.20
C ARG D 115 -0.31 9.05 -17.70
N LEU D 116 -0.19 10.13 -18.50
CA LEU D 116 -0.02 9.99 -19.94
C LEU D 116 1.33 9.34 -20.27
N ALA D 117 2.42 9.91 -19.74
CA ALA D 117 3.77 9.47 -20.04
C ALA D 117 3.96 7.99 -19.66
N ARG D 118 3.42 7.56 -18.51
CA ARG D 118 3.53 6.17 -18.09
C ARG D 118 2.77 5.25 -19.06
N ALA D 119 1.60 5.69 -19.52
CA ALA D 119 0.75 4.90 -20.42
C ALA D 119 1.44 4.68 -21.78
N LEU D 120 2.25 5.66 -22.21
CA LEU D 120 2.94 5.65 -23.51
C LEU D 120 4.39 5.14 -23.37
N SER D 121 4.87 4.94 -22.12
CA SER D 121 6.29 4.66 -21.86
C SER D 121 6.77 3.43 -22.64
N GLY D 122 5.94 2.39 -22.68
CA GLY D 122 6.24 1.15 -23.41
C GLY D 122 6.54 1.34 -24.89
N ARG D 123 6.11 2.48 -25.45
CA ARG D 123 6.19 2.76 -26.88
C ARG D 123 7.30 3.79 -27.16
N VAL D 124 7.92 4.36 -26.12
CA VAL D 124 9.07 5.27 -26.27
C VAL D 124 10.31 4.44 -26.60
N SER D 125 11.11 4.93 -27.55
CA SER D 125 12.37 4.30 -27.94
C SER D 125 13.28 4.29 -26.71
N ARG D 126 14.03 3.19 -26.55
CA ARG D 126 15.11 3.11 -25.59
C ARG D 126 16.17 4.12 -26.03
N GLY D 127 16.66 4.92 -25.09
CA GLY D 127 17.60 5.99 -25.41
C GLY D 127 16.92 7.24 -25.96
N GLY D 128 15.58 7.26 -25.98
CA GLY D 128 14.82 8.45 -26.26
C GLY D 128 14.76 9.40 -25.06
N VAL D 129 13.84 10.36 -25.14
CA VAL D 129 13.69 11.42 -24.15
C VAL D 129 12.20 11.66 -23.86
N VAL D 130 11.83 11.60 -22.59
CA VAL D 130 10.52 12.01 -22.11
C VAL D 130 10.73 13.30 -21.30
N ALA D 131 10.13 14.41 -21.75
CA ALA D 131 10.35 15.72 -21.14
C ALA D 131 9.00 16.30 -20.69
N PHE D 132 9.02 16.95 -19.52
CA PHE D 132 7.86 17.61 -18.96
C PHE D 132 8.16 19.10 -18.81
N MET D 133 7.21 19.94 -19.20
CA MET D 133 7.32 21.36 -18.97
C MET D 133 7.09 21.62 -17.48
N SER D 134 8.14 22.11 -16.81
CA SER D 134 8.11 22.42 -15.41
C SER D 134 8.27 23.94 -15.29
N SER D 135 8.94 24.39 -14.23
CA SER D 135 9.17 25.80 -13.99
C SER D 135 10.31 25.94 -12.99
N GLN D 136 11.04 27.05 -13.06
CA GLN D 136 12.03 27.36 -12.04
C GLN D 136 11.31 27.59 -10.70
N MET D 137 10.00 27.91 -10.74
CA MET D 137 9.16 28.07 -9.53
C MET D 137 9.03 26.74 -8.76
N ALA D 138 9.32 25.61 -9.41
CA ALA D 138 9.31 24.30 -8.80
C ALA D 138 10.52 24.11 -7.88
N SER D 139 11.59 24.88 -8.11
CA SER D 139 12.85 24.76 -7.37
C SER D 139 12.68 25.25 -5.92
N LEU D 140 12.79 24.29 -4.99
CA LEU D 140 12.84 24.56 -3.56
C LEU D 140 14.14 25.33 -3.24
N ALA D 141 15.28 24.87 -3.77
CA ALA D 141 16.56 25.54 -3.50
C ALA D 141 16.49 27.02 -3.88
N LEU D 142 15.96 27.35 -5.06
CA LEU D 142 15.91 28.73 -5.54
C LEU D 142 14.87 29.55 -4.73
N GLY D 143 13.75 28.90 -4.37
CA GLY D 143 12.65 29.52 -3.62
C GLY D 143 12.19 30.84 -4.21
N LEU D 144 11.75 30.83 -5.47
CA LEU D 144 11.38 32.04 -6.18
C LEU D 144 9.86 32.15 -6.35
N SER D 145 9.09 31.27 -5.70
CA SER D 145 7.69 31.14 -6.01
C SER D 145 6.79 31.85 -4.97
N ALA D 146 7.34 32.80 -4.20
CA ALA D 146 6.58 33.54 -3.17
C ALA D 146 5.32 34.19 -3.76
N THR D 147 5.43 34.77 -4.97
CA THR D 147 4.34 35.52 -5.59
C THR D 147 3.33 34.59 -6.28
N MET D 148 3.69 33.32 -6.52
CA MET D 148 2.74 32.35 -7.13
C MET D 148 2.95 30.98 -6.48
N PRO D 149 2.61 30.86 -5.17
CA PRO D 149 2.96 29.66 -4.40
C PRO D 149 2.29 28.37 -4.88
N LEU D 150 1.03 28.47 -5.32
CA LEU D 150 0.24 27.29 -5.69
C LEU D 150 0.77 26.72 -7.01
N TYR D 151 1.07 27.62 -7.96
CA TYR D 151 1.70 27.24 -9.19
C TYR D 151 3.00 26.49 -8.91
N GLY D 152 3.88 27.11 -8.12
CA GLY D 152 5.18 26.51 -7.76
C GLY D 152 5.07 25.16 -7.09
N ALA D 153 4.12 25.01 -6.18
CA ALA D 153 3.88 23.78 -5.46
C ALA D 153 3.39 22.69 -6.43
N SER D 154 2.50 23.06 -7.36
CA SER D 154 2.01 22.13 -8.37
C SER D 154 3.18 21.58 -9.20
N LYS D 155 4.18 22.43 -9.46
CA LYS D 155 5.30 22.05 -10.29
C LYS D 155 6.35 21.28 -9.48
N ALA D 156 6.48 21.60 -8.18
CA ALA D 156 7.32 20.82 -7.30
C ALA D 156 6.78 19.38 -7.24
N ALA D 157 5.46 19.26 -7.23
CA ALA D 157 4.78 17.95 -7.21
C ALA D 157 5.10 17.16 -8.49
N LEU D 158 5.04 17.83 -9.64
CA LEU D 158 5.43 17.28 -10.93
C LEU D 158 6.86 16.74 -10.84
N ASN D 159 7.79 17.61 -10.43
CA ASN D 159 9.20 17.22 -10.34
C ASN D 159 9.34 15.99 -9.43
N SER D 160 8.61 15.99 -8.30
CA SER D 160 8.67 14.88 -7.34
C SER D 160 8.29 13.57 -8.01
N LEU D 161 7.16 13.59 -8.74
CA LEU D 161 6.60 12.38 -9.37
C LEU D 161 7.58 11.84 -10.42
N VAL D 162 8.26 12.74 -11.12
CA VAL D 162 9.18 12.34 -12.16
C VAL D 162 10.44 11.72 -11.52
N ARG D 163 10.96 12.33 -10.46
CA ARG D 163 12.09 11.78 -9.70
C ARG D 163 11.72 10.41 -9.12
N SER D 164 10.48 10.26 -8.65
CA SER D 164 10.00 9.01 -8.11
C SER D 164 9.97 7.92 -9.20
N TRP D 165 9.57 8.30 -10.41
CA TRP D 165 9.55 7.39 -11.56
C TRP D 165 10.98 6.90 -11.85
N GLU D 166 11.95 7.83 -11.91
CA GLU D 166 13.36 7.49 -12.12
C GLU D 166 13.76 6.45 -11.09
N GLY D 167 13.24 6.60 -9.86
CA GLY D 167 13.56 5.74 -8.73
C GLY D 167 13.11 4.30 -8.91
N GLU D 168 12.29 4.00 -9.92
CA GLU D 168 11.74 2.63 -10.15
C GLU D 168 12.75 1.74 -10.88
N PHE D 169 13.64 2.36 -11.68
CA PHE D 169 14.56 1.66 -12.54
C PHE D 169 15.93 1.52 -11.89
N GLU D 170 16.63 0.42 -12.17
CA GLU D 170 18.05 0.30 -11.85
C GLU D 170 18.83 1.29 -12.71
N GLU D 171 18.57 1.26 -14.02
CA GLU D 171 19.06 2.23 -14.99
C GLU D 171 17.87 2.73 -15.82
N LEU D 172 17.83 4.03 -16.05
CA LEU D 172 16.80 4.63 -16.87
C LEU D 172 16.82 4.03 -18.26
N PRO D 173 15.65 3.66 -18.83
CA PRO D 173 15.57 3.26 -20.24
C PRO D 173 15.54 4.44 -21.22
N PHE D 174 15.19 5.62 -20.73
CA PHE D 174 15.20 6.86 -21.51
C PHE D 174 15.51 8.02 -20.57
N SER D 175 15.74 9.22 -21.13
CA SER D 175 15.96 10.41 -20.33
C SER D 175 14.62 10.94 -19.81
N LEU D 176 14.64 11.51 -18.61
CA LEU D 176 13.51 12.20 -17.99
C LEU D 176 13.90 13.66 -17.75
N LEU D 177 13.37 14.58 -18.56
CA LEU D 177 13.71 15.99 -18.43
C LEU D 177 12.55 16.74 -17.78
N LEU D 178 12.92 17.70 -16.94
CA LEU D 178 12.01 18.71 -16.46
C LEU D 178 12.56 20.06 -16.95
N LEU D 179 11.73 20.78 -17.72
CA LEU D 179 12.19 21.93 -18.47
C LEU D 179 11.64 23.22 -17.86
N HIS D 180 12.53 24.17 -17.64
CA HIS D 180 12.14 25.55 -17.39
C HIS D 180 12.30 26.32 -18.69
N PRO D 181 11.21 26.84 -19.29
CA PRO D 181 11.29 27.48 -20.61
C PRO D 181 11.87 28.91 -20.60
N GLY D 182 12.07 29.48 -19.40
CA GLY D 182 12.36 30.89 -19.23
C GLY D 182 11.05 31.68 -19.27
N TRP D 183 11.11 33.01 -19.35
CA TRP D 183 9.90 33.79 -19.55
C TRP D 183 9.93 34.52 -20.89
N LEU D 195 12.81 37.51 -23.76
CA LEU D 195 12.97 36.15 -24.30
C LEU D 195 11.79 35.80 -25.22
N SER D 196 12.10 35.54 -26.50
CA SER D 196 11.11 35.19 -27.52
C SER D 196 10.84 33.67 -27.49
N VAL D 197 9.67 33.31 -28.04
CA VAL D 197 9.22 31.95 -28.19
C VAL D 197 10.24 31.15 -29.03
N GLU D 198 10.83 31.81 -30.03
CA GLU D 198 11.75 31.16 -30.95
C GLU D 198 13.04 30.81 -30.21
N GLU D 199 13.55 31.75 -29.40
CA GLU D 199 14.81 31.54 -28.65
C GLU D 199 14.60 30.42 -27.62
N SER D 200 13.48 30.47 -26.91
CA SER D 200 13.14 29.49 -25.89
C SER D 200 13.00 28.09 -26.52
N ALA D 201 12.22 28.00 -27.60
CA ALA D 201 11.88 26.73 -28.25
C ALA D 201 13.15 26.06 -28.79
N ALA D 202 13.97 26.86 -29.48
CA ALA D 202 15.21 26.38 -30.10
C ALA D 202 16.12 25.80 -29.01
N GLY D 203 16.20 26.51 -27.87
CA GLY D 203 17.06 26.12 -26.77
C GLY D 203 16.60 24.83 -26.11
N LEU D 204 15.29 24.71 -25.89
CA LEU D 204 14.73 23.54 -25.21
C LEU D 204 14.94 22.29 -26.08
N VAL D 205 14.79 22.47 -27.40
CA VAL D 205 15.02 21.39 -28.36
C VAL D 205 16.48 20.94 -28.24
N ALA D 206 17.41 21.90 -28.17
CA ALA D 206 18.83 21.61 -27.99
C ALA D 206 19.04 20.83 -26.69
N ALA D 207 18.39 21.26 -25.60
CA ALA D 207 18.46 20.60 -24.29
C ALA D 207 17.91 19.17 -24.37
N VAL D 208 16.77 19.02 -25.07
CA VAL D 208 16.16 17.72 -25.28
C VAL D 208 17.15 16.82 -26.03
N GLU D 209 17.69 17.31 -27.16
CA GLU D 209 18.55 16.50 -28.05
C GLU D 209 19.89 16.17 -27.39
N ASP D 210 20.35 17.01 -26.46
CA ASP D 210 21.58 16.76 -25.69
C ASP D 210 21.40 15.56 -24.76
N ALA D 211 20.15 15.25 -24.36
CA ALA D 211 19.85 14.21 -23.38
C ALA D 211 19.65 12.86 -24.09
N ALA D 212 19.51 12.88 -25.42
CA ALA D 212 19.25 11.66 -26.21
C ALA D 212 20.46 10.72 -26.15
N GLY D 213 20.24 9.47 -25.76
CA GLY D 213 21.29 8.46 -25.67
C GLY D 213 22.04 8.47 -24.34
N VAL D 214 21.64 9.34 -23.42
CA VAL D 214 22.34 9.51 -22.15
C VAL D 214 21.59 8.79 -21.03
N ASN D 215 20.25 8.84 -21.07
CA ASN D 215 19.37 8.17 -20.09
C ASN D 215 19.65 8.73 -18.69
N ALA D 216 19.46 10.06 -18.58
CA ALA D 216 19.61 10.81 -17.34
C ALA D 216 18.28 11.49 -16.98
N CYS D 217 18.07 11.72 -15.68
CA CYS D 217 17.03 12.61 -15.18
C CYS D 217 17.67 13.99 -14.92
N ARG D 218 17.20 15.01 -15.64
CA ARG D 218 17.76 16.36 -15.55
C ARG D 218 16.66 17.41 -15.38
N PHE D 219 16.95 18.45 -14.58
CA PHE D 219 16.14 19.67 -14.46
C PHE D 219 16.94 20.83 -15.06
N VAL D 220 16.50 21.33 -16.23
CA VAL D 220 17.30 22.26 -17.03
C VAL D 220 16.41 23.36 -17.59
N ASP D 221 17.02 24.49 -17.93
CA ASP D 221 16.35 25.59 -18.58
C ASP D 221 16.60 25.51 -20.10
N TYR D 222 16.13 26.55 -20.80
CA TYR D 222 16.20 26.64 -22.26
C TYR D 222 17.64 26.78 -22.76
N ARG D 223 18.61 26.98 -21.85
CA ARG D 223 20.04 27.03 -22.18
C ARG D 223 20.74 25.73 -21.84
N ASN D 224 19.99 24.75 -21.36
CA ASN D 224 20.49 23.45 -20.92
C ASN D 224 21.33 23.58 -19.65
N GLN D 225 21.02 24.59 -18.82
CA GLN D 225 21.72 24.83 -17.55
C GLN D 225 20.95 24.13 -16.45
N PRO D 226 21.63 23.38 -15.56
CA PRO D 226 20.98 22.74 -14.41
C PRO D 226 20.35 23.75 -13.45
N LEU D 227 19.07 23.56 -13.13
CA LEU D 227 18.44 24.18 -11.99
C LEU D 227 18.56 23.24 -10.80
N PRO D 228 18.82 23.75 -9.58
CA PRO D 228 18.80 22.90 -8.39
C PRO D 228 17.34 22.52 -8.07
N TRP D 229 17.16 21.37 -7.42
CA TRP D 229 15.84 20.86 -7.09
C TRP D 229 15.14 21.79 -6.09
NA NA E . 6.41 -8.72 4.76
NA NA F . 2.58 -37.86 5.24
#